data_1J9V
#
_entry.id   1J9V
#
_cell.length_a   ?
_cell.length_b   ?
_cell.length_c   ?
_cell.angle_alpha   ?
_cell.angle_beta   ?
_cell.angle_gamma   ?
#
_entity_poly.entity_id   1
_entity_poly.type   'polypeptide(L)'
_entity_poly.pdbx_seq_one_letter_code
;(ACE)IWG(DAB)SGKLIDTTA
;
_entity_poly.pdbx_strand_id   A
#
loop_
_chem_comp.id
_chem_comp.type
_chem_comp.name
_chem_comp.formula
ACE non-polymer 'ACETYL GROUP' 'C2 H4 O'
#
# COMPACT_ATOMS: atom_id res chain seq x y z
C ACE A 1 5.85 -2.79 4.42
O ACE A 1 6.52 -2.16 3.59
CH3 ACE A 1 6.53 -3.62 5.49
H1 ACE A 1 6.01 -4.58 5.69
H2 ACE A 1 7.57 -3.88 5.19
H3 ACE A 1 6.60 -3.06 6.44
N ILE A 2 4.51 -2.77 4.45
CA ILE A 2 3.68 -2.01 3.47
C ILE A 2 3.46 -0.59 4.08
N TRP A 3 3.90 0.47 3.37
CA TRP A 3 3.74 1.86 3.84
C TRP A 3 3.30 2.71 2.62
N GLY A 4 1.99 3.03 2.55
CA GLY A 4 1.41 3.79 1.42
C GLY A 4 0.82 2.83 0.38
N DAB A 5 1.64 2.46 -0.62
CA DAB A 5 1.24 1.51 -1.69
C DAB A 5 2.49 0.76 -2.21
O DAB A 5 3.44 1.38 -2.69
CB DAB A 5 0.45 2.21 -2.83
CG DAB A 5 -0.48 1.29 -3.66
ND DAB A 5 -1.54 0.63 -2.88
H DAB A 5 2.60 2.84 -0.56
HA DAB A 5 0.56 0.78 -1.21
HB2 DAB A 5 -0.17 3.03 -2.42
HB3 DAB A 5 1.16 2.73 -3.51
HG2 DAB A 5 -0.94 1.86 -4.49
HG3 DAB A 5 0.13 0.50 -4.15
HD2 DAB A 5 -1.44 -0.36 -2.56
N SER A 6 2.47 -0.58 -2.11
CA SER A 6 3.58 -1.44 -2.57
C SER A 6 3.12 -2.20 -3.84
N GLY A 7 3.25 -1.56 -5.02
CA GLY A 7 2.84 -2.15 -6.31
C GLY A 7 1.55 -1.50 -6.85
N LYS A 8 0.39 -2.07 -6.48
CA LYS A 8 -0.95 -1.56 -6.92
C LYS A 8 -2.10 -1.99 -5.96
N LEU A 9 -2.43 -3.30 -5.88
CA LEU A 9 -3.54 -3.81 -5.01
C LEU A 9 -3.35 -3.74 -3.46
N ILE A 10 -2.12 -3.92 -2.94
CA ILE A 10 -1.84 -3.88 -1.49
C ILE A 10 -1.51 -2.41 -1.06
N ASP A 11 -2.54 -1.72 -0.54
CA ASP A 11 -2.45 -0.29 -0.10
C ASP A 11 -2.92 -0.20 1.38
N THR A 12 -1.99 -0.49 2.33
CA THR A 12 -2.28 -0.45 3.79
C THR A 12 -1.03 0.06 4.56
N THR A 13 -1.22 0.92 5.57
CA THR A 13 -0.09 1.47 6.39
C THR A 13 0.17 0.53 7.62
N ALA A 14 0.90 -0.57 7.37
CA ALA A 14 1.25 -1.57 8.40
C ALA A 14 2.48 -2.35 7.88
C ACE A 1 5.84 -2.76 4.53
O ACE A 1 6.52 -2.13 3.73
CH3 ACE A 1 6.51 -3.59 5.62
H1 ACE A 1 7.56 -3.81 5.36
H2 ACE A 1 6.52 -3.05 6.58
H3 ACE A 1 6.00 -4.56 5.79
N ILE A 2 4.49 -2.76 4.54
CA ILE A 2 3.68 -2.00 3.55
C ILE A 2 3.43 -0.58 4.14
N TRP A 3 3.89 0.47 3.44
CA TRP A 3 3.71 1.88 3.90
C TRP A 3 3.28 2.71 2.67
N GLY A 4 1.98 3.02 2.57
CA GLY A 4 1.41 3.79 1.44
C GLY A 4 0.83 2.82 0.40
N DAB A 5 1.64 2.45 -0.61
CA DAB A 5 1.24 1.52 -1.68
C DAB A 5 2.49 0.77 -2.20
O DAB A 5 3.44 1.39 -2.68
CB DAB A 5 0.46 2.22 -2.82
CG DAB A 5 -0.47 1.30 -3.66
ND DAB A 5 -1.54 0.63 -2.88
H DAB A 5 2.59 2.85 -0.55
HA DAB A 5 0.56 0.78 -1.21
HB2 DAB A 5 -0.16 3.04 -2.41
HB3 DAB A 5 1.16 2.74 -3.50
HG2 DAB A 5 -0.93 1.88 -4.49
HG3 DAB A 5 0.14 0.52 -4.16
HD2 DAB A 5 -1.44 -0.35 -2.57
N SER A 6 2.47 -0.58 -2.11
CA SER A 6 3.58 -1.44 -2.57
C SER A 6 3.12 -2.20 -3.86
N GLY A 7 3.24 -1.55 -5.03
CA GLY A 7 2.83 -2.15 -6.31
C GLY A 7 1.54 -1.50 -6.85
N LYS A 8 0.38 -2.08 -6.49
CA LYS A 8 -0.95 -1.56 -6.92
C LYS A 8 -2.10 -1.99 -5.96
N LEU A 9 -2.44 -3.30 -5.88
CA LEU A 9 -3.55 -3.80 -5.01
C LEU A 9 -3.34 -3.74 -3.47
N ILE A 10 -2.11 -3.93 -2.95
CA ILE A 10 -1.82 -3.89 -1.48
C ILE A 10 -1.50 -2.41 -1.07
N ASP A 11 -2.53 -1.72 -0.55
CA ASP A 11 -2.45 -0.31 -0.10
C ASP A 11 -2.92 -0.22 1.38
N THR A 12 -2.00 -0.49 2.32
CA THR A 12 -2.28 -0.44 3.79
C THR A 12 -1.04 0.10 4.55
N THR A 13 -1.25 0.96 5.56
CA THR A 13 -0.15 1.54 6.38
C THR A 13 0.11 0.64 7.63
N ALA A 14 0.83 -0.47 7.41
CA ALA A 14 1.18 -1.46 8.46
C ALA A 14 2.41 -2.26 7.96
C ACE A 1 5.82 -2.73 4.60
O ACE A 1 6.51 -2.09 3.82
CH3 ACE A 1 6.46 -3.56 5.71
H1 ACE A 1 7.54 -3.70 5.51
H2 ACE A 1 6.37 -3.05 6.68
H3 ACE A 1 6.00 -4.57 5.80
N ILE A 2 4.47 -2.73 4.59
CA ILE A 2 3.67 -1.98 3.58
C ILE A 2 3.42 -0.55 4.16
N TRP A 3 3.87 0.49 3.46
CA TRP A 3 3.69 1.91 3.92
C TRP A 3 3.28 2.73 2.67
N GLY A 4 1.98 3.04 2.57
CA GLY A 4 1.42 3.80 1.42
C GLY A 4 0.84 2.83 0.37
N DAB A 5 1.66 2.46 -0.62
CA DAB A 5 1.25 1.50 -1.68
C DAB A 5 2.49 0.75 -2.21
O DAB A 5 3.45 1.38 -2.69
CB DAB A 5 0.46 2.21 -2.83
CG DAB A 5 -0.47 1.29 -3.67
ND DAB A 5 -1.53 0.62 -2.87
H DAB A 5 2.61 2.84 -0.57
HA DAB A 5 0.56 0.77 -1.21
HB2 DAB A 5 -0.16 3.03 -2.43
HB3 DAB A 5 1.17 2.73 -3.51
HG2 DAB A 5 -0.93 1.85 -4.49
HG3 DAB A 5 0.14 0.50 -4.15
HD2 DAB A 5 -1.44 -0.36 -2.56
N SER A 6 2.47 -0.58 -2.11
CA SER A 6 3.59 -1.45 -2.58
C SER A 6 3.12 -2.21 -3.86
N GLY A 7 3.25 -1.55 -5.03
CA GLY A 7 2.83 -2.14 -6.32
C GLY A 7 1.54 -1.49 -6.84
N LYS A 8 0.38 -2.07 -6.47
CA LYS A 8 -0.95 -1.55 -6.92
C LYS A 8 -2.10 -1.98 -5.96
N LEU A 9 -2.44 -3.29 -5.88
CA LEU A 9 -3.55 -3.80 -5.01
C LEU A 9 -3.34 -3.74 -3.46
N ILE A 10 -2.11 -3.93 -2.95
CA ILE A 10 -1.81 -3.88 -1.49
C ILE A 10 -1.50 -2.41 -1.07
N ASP A 11 -2.53 -1.72 -0.55
CA ASP A 11 -2.45 -0.31 -0.10
C ASP A 11 -2.93 -0.22 1.38
N THR A 12 -2.01 -0.50 2.34
CA THR A 12 -2.30 -0.46 3.79
C THR A 12 -1.06 0.09 4.56
N THR A 13 -1.28 0.98 5.56
CA THR A 13 -0.18 1.56 6.38
C THR A 13 0.07 0.67 7.63
N ALA A 14 0.82 -0.42 7.44
CA ALA A 14 1.17 -1.39 8.51
C ALA A 14 2.41 -2.18 8.06
C ACE A 1 5.67 -2.82 4.72
O ACE A 1 6.45 -2.30 3.91
CH3 ACE A 1 6.20 -3.61 5.90
H1 ACE A 1 5.92 -3.14 6.86
H2 ACE A 1 5.81 -4.65 5.90
H3 ACE A 1 7.30 -3.68 5.87
N ILE A 2 4.33 -2.72 4.64
CA ILE A 2 3.64 -1.97 3.55
C ILE A 2 3.43 -0.51 4.07
N TRP A 3 4.26 0.43 3.58
CA TRP A 3 4.18 1.86 4.01
C TRP A 3 3.61 2.69 2.83
N GLY A 4 2.28 2.90 2.85
CA GLY A 4 1.56 3.65 1.79
C GLY A 4 0.99 2.72 0.72
N DAB A 5 1.78 2.46 -0.34
CA DAB A 5 1.36 1.58 -1.46
C DAB A 5 2.58 0.81 -2.02
O DAB A 5 3.59 1.41 -2.39
CB DAB A 5 0.64 2.40 -2.57
CG DAB A 5 -0.19 1.58 -3.60
ND DAB A 5 -1.29 0.78 -3.00
H DAB A 5 2.70 2.90 -0.30
HA DAB A 5 0.63 0.85 -1.06
HB2 DAB A 5 -0.04 3.14 -2.12
HB3 DAB A 5 1.38 3.02 -3.12
HG2 DAB A 5 -0.61 2.26 -4.37
HG3 DAB A 5 0.48 0.91 -4.16
HD2 DAB A 5 -1.21 -0.24 -2.88
N SER A 6 2.47 -0.53 -2.07
CA SER A 6 3.55 -1.41 -2.60
C SER A 6 3.03 -2.11 -3.88
N GLY A 7 3.14 -1.44 -5.03
CA GLY A 7 2.68 -1.97 -6.34
C GLY A 7 1.35 -1.34 -6.77
N LYS A 8 0.23 -1.99 -6.41
CA LYS A 8 -1.14 -1.50 -6.76
C LYS A 8 -2.22 -2.12 -5.83
N LEU A 9 -2.48 -3.45 -5.88
CA LEU A 9 -3.52 -4.12 -5.04
C LEU A 9 -3.33 -4.05 -3.50
N ILE A 10 -2.09 -4.16 -2.98
CA ILE A 10 -1.79 -4.08 -1.52
C ILE A 10 -1.49 -2.57 -1.22
N ASP A 11 -2.50 -1.86 -0.70
CA ASP A 11 -2.41 -0.41 -0.38
C ASP A 11 -2.89 -0.12 1.08
N THR A 12 -2.00 -0.38 2.07
CA THR A 12 -2.27 -0.13 3.51
C THR A 12 -1.16 0.80 4.08
N THR A 13 -1.55 1.72 4.98
CA THR A 13 -0.61 2.70 5.62
C THR A 13 0.44 2.09 6.60
N ALA A 14 0.03 1.22 7.54
CA ALA A 14 0.95 0.59 8.52
C ALA A 14 1.71 -0.61 7.91
C ACE A 1 5.68 -2.81 4.67
O ACE A 1 6.44 -2.32 3.83
CH3 ACE A 1 6.21 -3.60 5.84
H1 ACE A 1 5.97 -3.12 6.81
H2 ACE A 1 5.80 -4.63 5.87
H3 ACE A 1 7.31 -3.69 5.79
N ILE A 2 4.34 -2.68 4.61
CA ILE A 2 3.63 -1.94 3.52
C ILE A 2 3.44 -0.49 4.05
N TRP A 3 4.25 0.46 3.55
CA TRP A 3 4.19 1.89 3.98
C TRP A 3 3.61 2.72 2.80
N GLY A 4 2.28 2.91 2.82
CA GLY A 4 1.56 3.67 1.77
C GLY A 4 0.99 2.73 0.70
N DAB A 5 1.77 2.46 -0.35
CA DAB A 5 1.35 1.57 -1.46
C DAB A 5 2.58 0.79 -2.01
O DAB A 5 3.59 1.39 -2.41
CB DAB A 5 0.64 2.38 -2.58
CG DAB A 5 -0.20 1.54 -3.61
ND DAB A 5 -1.28 0.74 -3.00
H DAB A 5 2.71 2.87 -0.31
HA DAB A 5 0.63 0.83 -1.05
HB2 DAB A 5 -0.04 3.12 -2.13
HB3 DAB A 5 1.38 2.98 -3.14
HG2 DAB A 5 -0.61 2.22 -4.38
HG3 DAB A 5 0.48 0.86 -4.15
HD2 DAB A 5 -1.21 -0.27 -2.87
N SER A 6 2.47 -0.55 -2.06
CA SER A 6 3.55 -1.43 -2.58
C SER A 6 3.02 -2.12 -3.87
N GLY A 7 3.14 -1.43 -5.02
CA GLY A 7 2.69 -1.95 -6.33
C GLY A 7 1.35 -1.32 -6.76
N LYS A 8 0.24 -1.98 -6.41
CA LYS A 8 -1.14 -1.49 -6.76
C LYS A 8 -2.22 -2.11 -5.83
N LEU A 9 -2.48 -3.44 -5.89
CA LEU A 9 -3.51 -4.12 -5.06
C LEU A 9 -3.34 -4.06 -3.51
N ILE A 10 -2.09 -4.16 -2.99
CA ILE A 10 -1.80 -4.09 -1.53
C ILE A 10 -1.48 -2.59 -1.22
N ASP A 11 -2.50 -1.88 -0.69
CA ASP A 11 -2.41 -0.43 -0.37
C ASP A 11 -2.88 -0.14 1.08
N THR A 12 -1.99 -0.38 2.07
CA THR A 12 -2.26 -0.11 3.51
C THR A 12 -1.14 0.82 4.08
N THR A 13 -1.52 1.74 4.98
CA THR A 13 -0.57 2.70 5.61
C THR A 13 0.48 2.09 6.60
N ALA A 14 0.06 1.20 7.53
CA ALA A 14 0.99 0.57 8.50
C ALA A 14 1.76 -0.62 7.89
C ACE A 1 5.69 -2.82 4.61
O ACE A 1 6.46 -2.30 3.80
CH3 ACE A 1 6.25 -3.63 5.78
H1 ACE A 1 7.34 -3.71 5.73
H2 ACE A 1 5.99 -3.16 6.75
H3 ACE A 1 5.85 -4.66 5.79
N ILE A 2 4.36 -2.71 4.56
CA ILE A 2 3.64 -1.96 3.49
C ILE A 2 3.45 -0.52 4.03
N TRP A 3 4.26 0.44 3.53
CA TRP A 3 4.19 1.86 3.97
C TRP A 3 3.59 2.70 2.82
N GLY A 4 2.27 2.89 2.84
CA GLY A 4 1.54 3.65 1.80
C GLY A 4 0.96 2.72 0.72
N DAB A 5 1.76 2.46 -0.33
CA DAB A 5 1.34 1.58 -1.46
C DAB A 5 2.58 0.82 -2.01
O DAB A 5 3.58 1.43 -2.37
CB DAB A 5 0.62 2.39 -2.57
CG DAB A 5 -0.21 1.57 -3.60
ND DAB A 5 -1.30 0.78 -2.99
H DAB A 5 2.69 2.89 -0.29
HA DAB A 5 0.62 0.84 -1.06
HB2 DAB A 5 -0.05 3.14 -2.11
HB3 DAB A 5 1.36 3.01 -3.13
HG2 DAB A 5 -0.63 2.25 -4.36
HG3 DAB A 5 0.45 0.88 -4.14
HD2 DAB A 5 -1.23 -0.24 -2.86
N SER A 6 2.47 -0.52 -2.08
CA SER A 6 3.56 -1.39 -2.60
C SER A 6 3.03 -2.11 -3.88
N GLY A 7 3.15 -1.44 -5.04
CA GLY A 7 2.70 -1.99 -6.34
C GLY A 7 1.36 -1.37 -6.80
N LYS A 8 0.24 -2.01 -6.44
CA LYS A 8 -1.12 -1.54 -6.81
C LYS A 8 -2.22 -2.12 -5.87
N LEU A 9 -2.48 -3.44 -5.90
CA LEU A 9 -3.52 -4.10 -5.05
C LEU A 9 -3.34 -4.03 -3.50
N ILE A 10 -2.10 -4.14 -3.00
CA ILE A 10 -1.80 -4.06 -1.54
C ILE A 10 -1.49 -2.56 -1.22
N ASP A 11 -2.50 -1.86 -0.67
CA ASP A 11 -2.42 -0.41 -0.35
C ASP A 11 -2.88 -0.13 1.11
N THR A 12 -1.98 -0.37 2.10
CA THR A 12 -2.25 -0.13 3.53
C THR A 12 -1.13 0.79 4.11
N THR A 13 -1.50 1.70 5.03
CA THR A 13 -0.56 2.66 5.67
C THR A 13 0.49 2.03 6.65
N ALA A 14 0.10 1.12 7.55
CA ALA A 14 1.02 0.48 8.52
C ALA A 14 1.79 -0.70 7.89
C ACE A 1 5.71 -2.81 4.58
O ACE A 1 6.47 -2.29 3.75
CH3 ACE A 1 6.27 -3.61 5.74
H1 ACE A 1 5.87 -4.65 5.76
H2 ACE A 1 7.37 -3.70 5.69
H3 ACE A 1 6.02 -3.14 6.72
N ILE A 2 4.37 -2.70 4.54
CA ILE A 2 3.65 -1.95 3.47
C ILE A 2 3.46 -0.50 4.01
N TRP A 3 4.26 0.44 3.51
CA TRP A 3 4.20 1.87 3.95
C TRP A 3 3.60 2.71 2.79
N GLY A 4 2.26 2.89 2.83
CA GLY A 4 1.54 3.65 1.79
C GLY A 4 0.96 2.72 0.71
N DAB A 5 1.75 2.46 -0.34
CA DAB A 5 1.34 1.58 -1.46
C DAB A 5 2.58 0.82 -2.01
O DAB A 5 3.58 1.43 -2.38
CB DAB A 5 0.62 2.40 -2.58
CG DAB A 5 -0.22 1.56 -3.60
ND DAB A 5 -1.31 0.77 -2.99
H DAB A 5 2.69 2.88 -0.30
HA DAB A 5 0.62 0.84 -1.06
HB2 DAB A 5 -0.05 3.14 -2.13
HB3 DAB A 5 1.36 3.00 -3.14
HG2 DAB A 5 -0.64 2.24 -4.36
HG3 DAB A 5 0.45 0.87 -4.14
HD2 DAB A 5 -1.23 -0.25 -2.86
N SER A 6 2.47 -0.53 -2.07
CA SER A 6 3.56 -1.40 -2.59
C SER A 6 3.04 -2.12 -3.87
N GLY A 7 3.15 -1.44 -5.04
CA GLY A 7 2.69 -1.99 -6.33
C GLY A 7 1.37 -1.36 -6.79
N LYS A 8 0.25 -2.01 -6.43
CA LYS A 8 -1.12 -1.53 -6.80
C LYS A 8 -2.22 -2.12 -5.86
N LEU A 9 -2.48 -3.44 -5.90
CA LEU A 9 -3.53 -4.10 -5.06
C LEU A 9 -3.34 -4.02 -3.51
N ILE A 10 -2.10 -4.14 -3.00
CA ILE A 10 -1.80 -4.06 -1.54
C ILE A 10 -1.49 -2.56 -1.22
N ASP A 11 -2.50 -1.86 -0.67
CA ASP A 11 -2.41 -0.41 -0.34
C ASP A 11 -2.88 -0.14 1.11
N THR A 12 -1.98 -0.37 2.09
CA THR A 12 -2.25 -0.13 3.54
C THR A 12 -1.12 0.78 4.11
N THR A 13 -1.50 1.69 5.03
CA THR A 13 -0.54 2.66 5.67
C THR A 13 0.51 2.03 6.64
N ALA A 14 0.12 1.12 7.55
CA ALA A 14 1.05 0.47 8.51
C ALA A 14 1.82 -0.71 7.88
C ACE A 1 5.56 -2.81 4.88
O ACE A 1 6.38 -2.30 4.10
CH3 ACE A 1 6.04 -3.59 6.10
H1 ACE A 1 7.14 -3.65 6.13
H2 ACE A 1 5.70 -3.12 7.04
H3 ACE A 1 5.67 -4.64 6.07
N ILE A 2 4.23 -2.71 4.75
CA ILE A 2 3.59 -1.97 3.62
C ILE A 2 3.36 -0.51 4.12
N TRP A 3 4.22 0.42 3.67
CA TRP A 3 4.14 1.86 4.08
C TRP A 3 3.62 2.68 2.87
N GLY A 4 2.29 2.90 2.84
CA GLY A 4 1.62 3.66 1.75
C GLY A 4 1.03 2.72 0.68
N DAB A 5 1.84 2.43 -0.36
CA DAB A 5 1.41 1.53 -1.47
C DAB A 5 2.64 0.75 -2.03
O DAB A 5 3.64 1.35 -2.43
CB DAB A 5 0.70 2.35 -2.59
CG DAB A 5 -0.09 1.52 -3.65
ND DAB A 5 -1.19 0.70 -3.08
H DAB A 5 2.78 2.84 -0.32
HA DAB A 5 0.68 0.81 -1.06
HB2 DAB A 5 0.00 3.07 -2.14
HB3 DAB A 5 1.44 2.99 -3.12
HG2 DAB A 5 -0.48 2.19 -4.43
HG3 DAB A 5 0.61 0.84 -4.17
HD2 DAB A 5 -1.08 -0.29 -2.87
N SER A 6 2.52 -0.58 -2.07
CA SER A 6 3.57 -1.47 -2.60
C SER A 6 3.00 -2.12 -3.89
N GLY A 7 3.14 -1.41 -5.04
CA GLY A 7 2.63 -1.88 -6.35
C GLY A 7 1.28 -1.19 -6.65
N LYS A 8 0.17 -1.86 -6.29
CA LYS A 8 -1.20 -1.34 -6.51
C LYS A 8 -2.27 -2.09 -5.65
N LEU A 9 -2.46 -3.43 -5.83
CA LEU A 9 -3.46 -4.22 -5.05
C LEU A 9 -3.31 -4.21 -3.49
N ILE A 10 -2.07 -4.21 -2.98
CA ILE A 10 -1.78 -4.14 -1.51
C ILE A 10 -1.47 -2.64 -1.21
N ASP A 11 -2.50 -1.89 -0.78
CA ASP A 11 -2.40 -0.44 -0.48
C ASP A 11 -2.90 -0.11 0.95
N THR A 12 -2.03 -0.36 1.96
CA THR A 12 -2.33 -0.09 3.40
C THR A 12 -1.22 0.85 3.98
N THR A 13 -1.62 1.79 4.86
CA THR A 13 -0.70 2.77 5.49
C THR A 13 0.32 2.17 6.52
N ALA A 14 -0.12 1.29 7.45
CA ALA A 14 0.77 0.68 8.46
C ALA A 14 1.54 -0.53 7.90
C ACE A 1 5.71 -2.84 4.58
O ACE A 1 6.47 -2.33 3.76
CH3 ACE A 1 6.26 -3.64 5.75
H1 ACE A 1 5.86 -4.68 5.77
H2 ACE A 1 7.36 -3.72 5.71
H3 ACE A 1 6.01 -3.16 6.73
N ILE A 2 4.37 -2.74 4.54
CA ILE A 2 3.65 -1.98 3.46
C ILE A 2 3.46 -0.53 3.99
N TRP A 3 4.29 0.41 3.50
CA TRP A 3 4.23 1.84 3.92
C TRP A 3 3.63 2.68 2.77
N GLY A 4 2.30 2.89 2.82
CA GLY A 4 1.56 3.65 1.79
C GLY A 4 0.98 2.73 0.71
N DAB A 5 1.76 2.46 -0.35
CA DAB A 5 1.34 1.59 -1.47
C DAB A 5 2.57 0.82 -2.02
O DAB A 5 3.57 1.43 -2.40
CB DAB A 5 0.62 2.41 -2.59
CG DAB A 5 -0.21 1.58 -3.60
ND DAB A 5 -1.31 0.78 -3.01
H DAB A 5 2.69 2.90 -0.32
HA DAB A 5 0.62 0.85 -1.07
HB2 DAB A 5 -0.05 3.15 -2.12
HB3 DAB A 5 1.36 3.02 -3.14
HG2 DAB A 5 -0.64 2.26 -4.37
HG3 DAB A 5 0.45 0.90 -4.16
HD2 DAB A 5 -1.24 -0.24 -2.89
N SER A 6 2.46 -0.52 -2.07
CA SER A 6 3.55 -1.40 -2.59
C SER A 6 3.02 -2.11 -3.87
N GLY A 7 3.16 -1.43 -5.04
CA GLY A 7 2.70 -1.98 -6.33
C GLY A 7 1.37 -1.35 -6.77
N LYS A 8 0.25 -2.00 -6.41
CA LYS A 8 -1.12 -1.51 -6.77
C LYS A 8 -2.22 -2.11 -5.84
N LEU A 9 -2.48 -3.44 -5.89
CA LEU A 9 -3.51 -4.10 -5.05
C LEU A 9 -3.34 -4.05 -3.50
N ILE A 10 -2.10 -4.15 -2.99
CA ILE A 10 -1.81 -4.08 -1.53
C ILE A 10 -1.50 -2.58 -1.20
N ASP A 11 -2.51 -1.87 -0.69
CA ASP A 11 -2.42 -0.42 -0.36
C ASP A 11 -2.88 -0.13 1.09
N THR A 12 -1.99 -0.39 2.07
CA THR A 12 -2.26 -0.14 3.52
C THR A 12 -1.13 0.78 4.08
N THR A 13 -1.51 1.73 4.97
CA THR A 13 -0.55 2.70 5.59
C THR A 13 0.50 2.08 6.56
N ALA A 14 0.11 1.21 7.51
CA ALA A 14 1.03 0.58 8.47
C ALA A 14 1.79 -0.62 7.85
C ACE A 1 5.83 -2.77 4.45
O ACE A 1 6.51 -2.17 3.61
CH3 ACE A 1 6.51 -3.60 5.54
H1 ACE A 1 7.57 -3.80 5.28
H2 ACE A 1 6.49 -3.06 6.50
H3 ACE A 1 6.02 -4.58 5.68
N ILE A 2 4.49 -2.74 4.48
CA ILE A 2 3.67 -1.98 3.50
C ILE A 2 3.44 -0.56 4.10
N TRP A 3 3.88 0.49 3.39
CA TRP A 3 3.72 1.90 3.86
C TRP A 3 3.29 2.74 2.63
N GLY A 4 1.98 3.04 2.54
CA GLY A 4 1.40 3.80 1.41
C GLY A 4 0.83 2.84 0.37
N DAB A 5 1.65 2.45 -0.63
CA DAB A 5 1.23 1.50 -1.69
C DAB A 5 2.48 0.75 -2.21
O DAB A 5 3.43 1.37 -2.72
CB DAB A 5 0.45 2.19 -2.84
CG DAB A 5 -0.49 1.27 -3.67
ND DAB A 5 -1.55 0.61 -2.86
H DAB A 5 2.60 2.83 -0.57
HA DAB A 5 0.56 0.76 -1.21
HB2 DAB A 5 -0.18 3.01 -2.42
HB3 DAB A 5 1.15 2.72 -3.52
HG2 DAB A 5 -0.95 1.83 -4.50
HG3 DAB A 5 0.12 0.47 -4.14
HD2 DAB A 5 -1.45 -0.37 -2.54
N SER A 6 2.47 -0.59 -2.11
CA SER A 6 3.58 -1.46 -2.58
C SER A 6 3.11 -2.21 -3.85
N GLY A 7 3.25 -1.56 -5.03
CA GLY A 7 2.85 -2.14 -6.33
C GLY A 7 1.56 -1.49 -6.85
N LYS A 8 0.39 -2.06 -6.48
CA LYS A 8 -0.94 -1.54 -6.91
C LYS A 8 -2.09 -1.98 -5.96
N LEU A 9 -2.43 -3.28 -5.87
CA LEU A 9 -3.54 -3.79 -5.01
C LEU A 9 -3.34 -3.73 -3.46
N ILE A 10 -2.12 -3.92 -2.94
CA ILE A 10 -1.83 -3.88 -1.48
C ILE A 10 -1.51 -2.42 -1.05
N ASP A 11 -2.54 -1.72 -0.53
CA ASP A 11 -2.45 -0.30 -0.09
C ASP A 11 -2.92 -0.21 1.39
N THR A 12 -2.00 -0.49 2.34
CA THR A 12 -2.29 -0.46 3.81
C THR A 12 -1.04 0.08 4.57
N THR A 13 -1.24 0.96 5.56
CA THR A 13 -0.13 1.53 6.37
C THR A 13 0.14 0.62 7.63
N ALA A 14 0.87 -0.48 7.40
CA ALA A 14 1.24 -1.47 8.45
C ALA A 14 2.47 -2.25 7.95
C ACE A 1 5.07 1.40 8.28
O ACE A 1 3.90 1.68 8.53
CH3 ACE A 1 5.67 0.11 8.79
H1 ACE A 1 6.01 -0.55 7.96
H2 ACE A 1 6.55 0.31 9.44
H3 ACE A 1 4.95 -0.47 9.39
N ILE A 2 5.88 2.18 7.55
CA ILE A 2 5.47 3.49 6.96
C ILE A 2 5.73 3.35 5.42
N TRP A 3 4.65 3.04 4.68
CA TRP A 3 4.69 2.89 3.19
C TRP A 3 3.26 3.15 2.65
N GLY A 4 3.13 4.02 1.62
CA GLY A 4 1.81 4.32 1.00
C GLY A 4 1.19 3.15 0.23
N DAB A 5 1.79 2.79 -0.93
CA DAB A 5 1.32 1.66 -1.77
C DAB A 5 2.55 0.91 -2.34
O DAB A 5 3.38 1.50 -3.04
CB DAB A 5 0.34 2.15 -2.88
CG DAB A 5 -0.57 1.05 -3.48
ND DAB A 5 -1.48 0.41 -2.49
H DAB A 5 2.62 3.35 -1.18
HA DAB A 5 0.75 0.96 -1.11
HB2 DAB A 5 -0.31 2.95 -2.49
HB3 DAB A 5 0.91 2.64 -3.70
HG2 DAB A 5 -1.17 1.46 -4.32
HG3 DAB A 5 0.05 0.25 -3.94
HD2 DAB A 5 -1.27 -0.51 -2.08
N SER A 6 2.64 -0.39 -2.04
CA SER A 6 3.77 -1.25 -2.51
C SER A 6 3.25 -2.17 -3.66
N GLY A 7 3.26 -1.64 -4.89
CA GLY A 7 2.79 -2.38 -6.09
C GLY A 7 1.60 -1.65 -6.73
N LYS A 8 0.38 -2.10 -6.41
CA LYS A 8 -0.88 -1.49 -6.94
C LYS A 8 -2.09 -1.81 -6.03
N LEU A 9 -2.55 -3.09 -5.94
CA LEU A 9 -3.73 -3.47 -5.10
C LEU A 9 -3.47 -3.61 -3.56
N ILE A 10 -2.25 -3.90 -3.06
CA ILE A 10 -1.98 -4.05 -1.60
C ILE A 10 -1.60 -2.64 -1.02
N ASP A 11 -2.58 -1.98 -0.39
CA ASP A 11 -2.44 -0.63 0.22
C ASP A 11 -3.01 -0.73 1.67
N THR A 12 -2.21 -1.21 2.64
CA THR A 12 -2.65 -1.36 4.06
C THR A 12 -2.27 -0.12 4.92
N THR A 13 -0.98 0.12 5.19
CA THR A 13 -0.49 1.27 6.01
C THR A 13 -0.24 2.56 5.15
N ALA A 14 0.19 3.64 5.82
CA ALA A 14 0.49 4.95 5.17
C ALA A 14 1.89 5.45 5.59
C ACE A 1 5.65 0.91 7.88
O ACE A 1 4.48 1.05 8.24
CH3 ACE A 1 6.39 -0.39 8.19
H1 ACE A 1 6.70 -0.91 7.26
H2 ACE A 1 7.28 -0.22 8.81
H3 ACE A 1 5.73 -1.09 8.74
N ILE A 2 6.37 1.83 7.24
CA ILE A 2 5.82 3.17 6.85
C ILE A 2 5.93 3.23 5.30
N TRP A 3 4.83 2.91 4.61
CA TRP A 3 4.75 2.93 3.12
C TRP A 3 3.26 3.08 2.71
N GLY A 4 2.93 4.04 1.83
CA GLY A 4 1.55 4.25 1.35
C GLY A 4 1.02 3.12 0.43
N DAB A 5 1.58 3.02 -0.79
CA DAB A 5 1.20 1.96 -1.76
C DAB A 5 2.48 1.47 -2.47
O DAB A 5 3.21 2.27 -3.09
CB DAB A 5 0.09 2.46 -2.74
CG DAB A 5 -0.90 1.37 -3.21
ND DAB A 5 -1.68 0.75 -2.10
H DAB A 5 2.32 3.70 -0.99
HA DAB A 5 0.79 1.11 -1.19
HB2 DAB A 5 -0.49 3.27 -2.28
HB3 DAB A 5 0.56 2.94 -3.63
HG2 DAB A 5 -1.59 1.77 -3.97
HG3 DAB A 5 -0.34 0.56 -3.73
HD2 DAB A 5 -1.43 -0.16 -1.70
N SER A 6 2.76 0.16 -2.39
CA SER A 6 3.98 -0.46 -2.99
C SER A 6 3.60 -1.81 -3.67
N GLY A 7 3.25 -1.76 -4.98
CA GLY A 7 2.89 -2.98 -5.74
C GLY A 7 1.83 -2.67 -6.82
N LYS A 8 0.55 -2.93 -6.51
CA LYS A 8 -0.58 -2.68 -7.46
C LYS A 8 -1.81 -2.17 -6.65
N LEU A 9 -2.60 -3.07 -6.00
CA LEU A 9 -3.79 -2.68 -5.20
C LEU A 9 -3.76 -3.37 -3.79
N ILE A 10 -2.69 -3.09 -3.03
CA ILE A 10 -2.50 -3.63 -1.65
C ILE A 10 -1.90 -2.46 -0.80
N ASP A 11 -2.81 -1.64 -0.26
CA ASP A 11 -2.46 -0.45 0.57
C ASP A 11 -2.84 -0.72 2.05
N THR A 12 -2.02 -1.54 2.74
CA THR A 12 -2.26 -1.92 4.16
C THR A 12 -1.85 -0.82 5.20
N THR A 13 -0.60 -0.34 5.15
CA THR A 13 -0.07 0.71 6.09
C THR A 13 0.04 2.10 5.38
N ALA A 14 0.50 3.12 6.15
CA ALA A 14 0.68 4.50 5.66
C ALA A 14 2.08 5.03 6.04
C ACE A 1 6.25 1.44 7.70
O ACE A 1 5.10 1.00 7.54
CH3 ACE A 1 7.34 0.54 8.26
H1 ACE A 1 8.18 0.41 7.54
H2 ACE A 1 7.76 0.95 9.20
H3 ACE A 1 6.95 -0.47 8.49
N ILE A 2 6.62 2.69 7.39
CA ILE A 2 5.69 3.70 6.82
C ILE A 2 5.85 3.65 5.26
N TRP A 3 4.82 3.14 4.59
CA TRP A 3 4.79 3.00 3.10
C TRP A 3 3.35 3.28 2.58
N GLY A 4 3.21 4.11 1.51
CA GLY A 4 1.89 4.42 0.92
C GLY A 4 1.24 3.24 0.18
N DAB A 5 1.81 2.85 -0.98
CA DAB A 5 1.31 1.70 -1.77
C DAB A 5 2.53 0.93 -2.36
O DAB A 5 3.35 1.50 -3.09
CB DAB A 5 0.30 2.15 -2.87
CG DAB A 5 -0.61 1.03 -3.43
ND DAB A 5 -1.47 0.39 -2.41
H DAB A 5 2.65 3.37 -1.25
HA DAB A 5 0.77 1.02 -1.08
HB2 DAB A 5 -0.34 2.95 -2.47
HB3 DAB A 5 0.84 2.64 -3.70
HG2 DAB A 5 -1.23 1.43 -4.25
HG3 DAB A 5 0.02 0.24 -3.89
HD2 DAB A 5 -1.25 -0.51 -1.99
N SER A 6 2.63 -0.37 -2.03
CA SER A 6 3.75 -1.23 -2.50
C SER A 6 3.24 -2.16 -3.64
N GLY A 7 3.27 -1.65 -4.88
CA GLY A 7 2.81 -2.40 -6.08
C GLY A 7 1.64 -1.69 -6.75
N LYS A 8 0.41 -2.13 -6.42
CA LYS A 8 -0.84 -1.54 -6.99
C LYS A 8 -2.06 -1.78 -6.05
N LEU A 9 -2.55 -3.03 -5.93
CA LEU A 9 -3.74 -3.36 -5.09
C LEU A 9 -3.49 -3.55 -3.55
N ILE A 10 -2.28 -3.89 -3.05
CA ILE A 10 -2.02 -4.07 -1.60
C ILE A 10 -1.63 -2.69 -0.99
N ASP A 11 -2.62 -2.02 -0.35
CA ASP A 11 -2.46 -0.69 0.28
C ASP A 11 -3.04 -0.80 1.73
N THR A 12 -2.24 -1.32 2.68
CA THR A 12 -2.67 -1.48 4.10
C THR A 12 -2.39 -0.19 4.95
N THR A 13 -1.12 0.25 5.06
CA THR A 13 -0.74 1.46 5.83
C THR A 13 -0.52 2.69 4.87
N ALA A 14 -0.55 3.91 5.45
CA ALA A 14 -0.34 5.17 4.70
C ALA A 14 1.05 5.77 5.02
C ACE A 1 4.34 1.71 7.98
O ACE A 1 3.15 1.97 7.79
CH3 ACE A 1 4.75 0.41 8.65
H1 ACE A 1 3.88 -0.09 9.10
H2 ACE A 1 5.20 -0.30 7.93
H3 ACE A 1 5.48 0.57 9.47
N ILE A 2 5.35 2.50 7.60
CA ILE A 2 5.13 3.82 6.91
C ILE A 2 5.50 3.61 5.42
N TRP A 3 4.48 3.32 4.59
CA TRP A 3 4.63 3.10 3.13
C TRP A 3 3.27 3.41 2.44
N GLY A 4 3.27 4.26 1.40
CA GLY A 4 2.02 4.62 0.66
C GLY A 4 1.32 3.42 -0.02
N DAB A 5 1.93 2.89 -1.09
CA DAB A 5 1.38 1.71 -1.82
C DAB A 5 2.56 0.89 -2.38
O DAB A 5 3.38 1.39 -3.16
CB DAB A 5 0.35 2.13 -2.92
CG DAB A 5 -0.56 0.98 -3.42
ND DAB A 5 -1.42 0.37 -2.37
H DAB A 5 2.81 3.32 -1.36
HA DAB A 5 0.83 1.09 -1.08
HB2 DAB A 5 -0.30 2.93 -2.54
HB3 DAB A 5 0.89 2.58 -3.78
HG2 DAB A 5 -1.20 1.35 -4.26
HG3 DAB A 5 0.06 0.18 -3.87
HD2 DAB A 5 -1.16 -0.51 -1.92
N SER A 6 2.63 -0.39 -1.98
CA SER A 6 3.71 -1.32 -2.41
C SER A 6 3.19 -2.19 -3.58
N GLY A 7 3.28 -1.66 -4.82
CA GLY A 7 2.82 -2.35 -6.04
C GLY A 7 1.63 -1.60 -6.67
N LYS A 8 0.41 -2.03 -6.34
CA LYS A 8 -0.84 -1.40 -6.86
C LYS A 8 -2.08 -1.74 -5.97
N LEU A 9 -2.53 -3.01 -5.91
CA LEU A 9 -3.71 -3.42 -5.11
C LEU A 9 -3.49 -3.55 -3.56
N ILE A 10 -2.30 -3.95 -3.05
CA ILE A 10 -2.06 -4.10 -1.59
C ILE A 10 -1.65 -2.72 -0.98
N ASP A 11 -2.63 -2.05 -0.36
CA ASP A 11 -2.47 -0.72 0.29
C ASP A 11 -3.10 -0.86 1.71
N THR A 12 -2.33 -1.41 2.69
CA THR A 12 -2.82 -1.64 4.08
C THR A 12 -2.36 -0.50 5.04
N THR A 13 -1.13 -0.56 5.59
CA THR A 13 -0.60 0.46 6.53
C THR A 13 0.11 1.62 5.77
N ALA A 14 -0.46 2.84 5.87
CA ALA A 14 0.07 4.05 5.21
C ALA A 14 1.25 4.70 5.95
C ACE A 1 4.29 1.83 8.04
O ACE A 1 3.09 2.02 7.88
CH3 ACE A 1 4.80 0.54 8.69
H1 ACE A 1 5.40 0.75 9.58
H2 ACE A 1 3.95 -0.10 9.00
H3 ACE A 1 5.41 -0.05 7.98
N ILE A 2 5.25 2.70 7.68
CA ILE A 2 4.94 4.00 7.02
C ILE A 2 5.36 3.85 5.53
N TRP A 3 4.36 3.56 4.67
CA TRP A 3 4.56 3.37 3.21
C TRP A 3 3.21 3.65 2.48
N GLY A 4 3.21 4.49 1.43
CA GLY A 4 1.97 4.81 0.65
C GLY A 4 1.36 3.57 -0.05
N DAB A 5 2.04 3.06 -1.10
CA DAB A 5 1.58 1.85 -1.83
C DAB A 5 2.82 1.12 -2.39
O DAB A 5 3.62 1.68 -3.14
CB DAB A 5 0.53 2.19 -2.94
CG DAB A 5 -0.31 0.98 -3.41
ND DAB A 5 -1.16 0.38 -2.35
H DAB A 5 2.91 3.54 -1.32
HA DAB A 5 1.07 1.20 -1.09
HB2 DAB A 5 -0.16 2.97 -2.59
HB3 DAB A 5 1.05 2.65 -3.81
HG2 DAB A 5 -0.94 1.27 -4.28
HG3 DAB A 5 0.36 0.19 -3.81
HD2 DAB A 5 -0.86 -0.41 -1.78
N SER A 6 2.96 -0.18 -2.02
CA SER A 6 4.10 -1.03 -2.47
C SER A 6 3.96 -1.48 -3.96
N GLY A 7 2.89 -2.21 -4.29
CA GLY A 7 2.62 -2.68 -5.66
C GLY A 7 1.54 -1.81 -6.33
N LYS A 8 0.26 -2.22 -6.18
CA LYS A 8 -0.89 -1.47 -6.75
C LYS A 8 -2.15 -1.70 -5.86
N LEU A 9 -2.76 -2.90 -5.88
CA LEU A 9 -3.97 -3.22 -5.06
C LEU A 9 -3.71 -3.48 -3.53
N ILE A 10 -2.51 -3.93 -3.10
CA ILE A 10 -2.20 -4.20 -1.66
C ILE A 10 -1.71 -2.92 -0.90
N ASP A 11 -2.67 -2.03 -0.59
CA ASP A 11 -2.42 -0.77 0.15
C ASP A 11 -3.03 -0.94 1.58
N THR A 12 -2.33 -1.71 2.45
CA THR A 12 -2.78 -2.00 3.84
C THR A 12 -2.47 -0.83 4.82
N THR A 13 -1.22 -0.71 5.33
CA THR A 13 -0.82 0.36 6.29
C THR A 13 -0.15 1.56 5.53
N ALA A 14 -0.71 2.77 5.73
CA ALA A 14 -0.21 4.01 5.09
C ALA A 14 0.97 4.67 5.85
C ACE A 1 6.04 0.43 7.51
O ACE A 1 4.85 0.51 7.82
CH3 ACE A 1 6.80 -0.87 7.71
H1 ACE A 1 7.18 -1.26 6.75
H2 ACE A 1 7.66 -0.74 8.40
H3 ACE A 1 6.15 -1.65 8.15
N ILE A 2 6.74 1.44 6.99
CA ILE A 2 6.17 2.80 6.73
C ILE A 2 6.20 2.97 5.17
N TRP A 3 5.06 2.65 4.52
CA TRP A 3 4.92 2.74 3.04
C TRP A 3 3.40 2.84 2.70
N GLY A 4 2.99 3.84 1.89
CA GLY A 4 1.58 4.01 1.49
C GLY A 4 1.07 2.92 0.51
N DAB A 5 1.58 2.92 -0.73
CA DAB A 5 1.20 1.93 -1.77
C DAB A 5 2.49 1.53 -2.55
O DAB A 5 3.18 2.39 -3.12
CB DAB A 5 0.08 2.47 -2.69
CG DAB A 5 -0.95 1.41 -3.17
ND DAB A 5 -1.74 0.80 -2.06
H DAB A 5 2.28 3.65 -0.91
HA DAB A 5 0.82 1.03 -1.25
HB2 DAB A 5 -0.49 3.28 -2.18
HB3 DAB A 5 0.50 2.98 -3.58
HG2 DAB A 5 -1.63 1.84 -3.92
HG3 DAB A 5 -0.40 0.59 -3.69
HD2 DAB A 5 -1.50 -0.11 -1.66
N SER A 6 2.81 0.23 -2.57
CA SER A 6 4.02 -0.31 -3.25
C SER A 6 3.70 -1.69 -3.89
N GLY A 7 3.25 -1.71 -5.15
CA GLY A 7 2.93 -2.97 -5.87
C GLY A 7 1.84 -2.75 -6.94
N LYS A 8 0.58 -3.02 -6.56
CA LYS A 8 -0.58 -2.86 -7.48
C LYS A 8 -1.77 -2.25 -6.68
N LEU A 9 -2.52 -3.06 -5.90
CA LEU A 9 -3.66 -2.57 -5.08
C LEU A 9 -3.66 -3.29 -3.69
N ILE A 10 -2.61 -3.02 -2.90
CA ILE A 10 -2.42 -3.60 -1.54
C ILE A 10 -1.91 -2.43 -0.64
N ASP A 11 -2.86 -1.57 -0.23
CA ASP A 11 -2.58 -0.37 0.61
C ASP A 11 -3.03 -0.63 2.08
N THR A 12 -2.25 -1.47 2.79
CA THR A 12 -2.52 -1.84 4.21
C THR A 12 -1.92 -0.78 5.20
N THR A 13 -0.58 -0.64 5.26
CA THR A 13 0.11 0.34 6.15
C THR A 13 0.24 1.76 5.50
N ALA A 14 0.60 2.76 6.33
CA ALA A 14 0.79 4.16 5.89
C ALA A 14 2.27 4.57 6.08
C ACE A 1 4.40 1.71 7.92
O ACE A 1 3.21 1.98 7.75
CH3 ACE A 1 4.82 0.41 8.59
H1 ACE A 1 5.24 -0.30 7.85
H2 ACE A 1 5.57 0.56 9.38
H3 ACE A 1 3.95 -0.09 9.05
N ILE A 2 5.41 2.51 7.55
CA ILE A 2 5.19 3.83 6.87
C ILE A 2 5.54 3.64 5.37
N TRP A 3 4.51 3.37 4.56
CA TRP A 3 4.65 3.15 3.09
C TRP A 3 3.28 3.45 2.43
N GLY A 4 3.26 4.29 1.37
CA GLY A 4 2.00 4.64 0.65
C GLY A 4 1.30 3.44 -0.03
N DAB A 5 1.90 2.90 -1.10
CA DAB A 5 1.35 1.73 -1.82
C DAB A 5 2.53 0.89 -2.37
O DAB A 5 3.36 1.39 -3.15
CB DAB A 5 0.33 2.13 -2.92
CG DAB A 5 -0.60 0.99 -3.42
ND DAB A 5 -1.44 0.39 -2.36
H DAB A 5 2.78 3.34 -1.36
HA DAB A 5 0.80 1.11 -1.08
HB2 DAB A 5 -0.31 2.95 -2.54
HB3 DAB A 5 0.86 2.58 -3.78
HG2 DAB A 5 -1.23 1.36 -4.24
HG3 DAB A 5 0.02 0.19 -3.87
HD2 DAB A 5 -1.21 -0.51 -1.92
N SER A 6 2.61 -0.39 -1.96
CA SER A 6 3.69 -1.32 -2.39
C SER A 6 3.17 -2.20 -3.57
N GLY A 7 3.28 -1.67 -4.80
CA GLY A 7 2.83 -2.37 -6.02
C GLY A 7 1.65 -1.62 -6.67
N LYS A 8 0.42 -2.06 -6.35
CA LYS A 8 -0.82 -1.43 -6.90
C LYS A 8 -2.05 -1.73 -5.99
N LEU A 9 -2.53 -3.00 -5.92
CA LEU A 9 -3.71 -3.38 -5.12
C LEU A 9 -3.50 -3.52 -3.57
N ILE A 10 -2.32 -3.93 -3.06
CA ILE A 10 -2.09 -4.08 -1.59
C ILE A 10 -1.66 -2.70 -0.97
N ASP A 11 -2.64 -2.03 -0.35
CA ASP A 11 -2.47 -0.71 0.31
C ASP A 11 -3.08 -0.87 1.74
N THR A 12 -2.31 -1.43 2.69
CA THR A 12 -2.77 -1.67 4.09
C THR A 12 -2.32 -0.55 5.06
N THR A 13 -1.07 -0.58 5.57
CA THR A 13 -0.54 0.43 6.51
C THR A 13 0.16 1.61 5.75
N ALA A 14 -0.43 2.81 5.89
CA ALA A 14 0.08 4.05 5.23
C ALA A 14 1.29 4.69 5.96
C ACE A 1 6.12 0.63 7.62
O ACE A 1 4.99 0.81 8.08
CH3 ACE A 1 6.83 -0.70 7.82
H1 ACE A 1 7.78 -0.57 8.37
H2 ACE A 1 6.20 -1.40 8.39
H3 ACE A 1 7.05 -1.19 6.84
N ILE A 2 6.81 1.56 6.94
CA ILE A 2 6.28 2.93 6.64
C ILE A 2 6.27 3.04 5.08
N TRP A 3 5.10 2.77 4.48
CA TRP A 3 4.91 2.83 3.01
C TRP A 3 3.39 3.00 2.71
N GLY A 4 3.01 3.99 1.88
CA GLY A 4 1.58 4.22 1.51
C GLY A 4 1.00 3.13 0.59
N DAB A 5 1.49 3.09 -0.67
CA DAB A 5 1.05 2.07 -1.66
C DAB A 5 2.31 1.59 -2.43
O DAB A 5 3.05 2.40 -3.02
CB DAB A 5 -0.07 2.64 -2.59
CG DAB A 5 -1.08 1.59 -3.11
ND DAB A 5 -1.83 0.89 -2.04
H DAB A 5 2.20 3.79 -0.89
HA DAB A 5 0.63 1.21 -1.11
HB2 DAB A 5 -0.64 3.43 -2.07
HB3 DAB A 5 0.38 3.18 -3.45
HG2 DAB A 5 -1.79 2.06 -3.82
HG3 DAB A 5 -0.54 0.83 -3.71
HD2 DAB A 5 -1.58 -0.06 -1.73
N SER A 6 2.56 0.27 -2.41
CA SER A 6 3.75 -0.34 -3.06
C SER A 6 3.38 -1.75 -3.63
N GLY A 7 3.19 -1.86 -4.96
CA GLY A 7 2.83 -3.16 -5.60
C GLY A 7 1.88 -2.94 -6.78
N LYS A 8 0.57 -3.08 -6.53
CA LYS A 8 -0.49 -2.89 -7.55
C LYS A 8 -1.73 -2.30 -6.84
N LEU A 9 -2.54 -3.12 -6.13
CA LEU A 9 -3.73 -2.64 -5.37
C LEU A 9 -3.74 -3.27 -3.94
N ILE A 10 -2.65 -3.01 -3.17
CA ILE A 10 -2.46 -3.52 -1.79
C ILE A 10 -1.91 -2.29 -0.99
N ASP A 11 -2.78 -1.66 -0.18
CA ASP A 11 -2.43 -0.46 0.63
C ASP A 11 -2.79 -0.77 2.12
N THR A 12 -1.89 -1.50 2.82
CA THR A 12 -2.10 -1.89 4.25
C THR A 12 -1.63 -0.76 5.24
N THR A 13 -0.32 -0.50 5.34
CA THR A 13 0.25 0.54 6.24
C THR A 13 0.33 1.97 5.58
N ALA A 14 0.80 2.95 6.36
CA ALA A 14 0.95 4.36 5.90
C ALA A 14 2.41 4.81 6.08
C ACE A 1 4.26 1.79 8.00
O ACE A 1 3.08 2.11 7.82
CH3 ACE A 1 4.60 0.48 8.71
H1 ACE A 1 5.37 0.62 9.49
H2 ACE A 1 3.71 0.05 9.20
H3 ACE A 1 4.97 -0.27 7.99
N ILE A 2 5.31 2.53 7.62
CA ILE A 2 5.16 3.84 6.92
C ILE A 2 5.54 3.58 5.42
N TRP A 3 4.50 3.37 4.59
CA TRP A 3 4.64 3.11 3.13
C TRP A 3 3.27 3.44 2.46
N GLY A 4 3.27 4.27 1.39
CA GLY A 4 2.02 4.63 0.66
C GLY A 4 1.32 3.42 -0.02
N DAB A 5 1.91 2.90 -1.10
CA DAB A 5 1.36 1.72 -1.81
C DAB A 5 2.55 0.89 -2.37
O DAB A 5 3.36 1.39 -3.16
CB DAB A 5 0.34 2.14 -2.92
CG DAB A 5 -0.59 1.00 -3.42
ND DAB A 5 -1.44 0.38 -2.37
H DAB A 5 2.79 3.34 -1.37
HA DAB A 5 0.82 1.10 -1.08
HB2 DAB A 5 -0.30 2.95 -2.53
HB3 DAB A 5 0.87 2.59 -3.78
HG2 DAB A 5 -1.22 1.37 -4.25
HG3 DAB A 5 0.03 0.19 -3.87
HD2 DAB A 5 -1.19 -0.51 -1.94
N SER A 6 2.63 -0.39 -1.97
CA SER A 6 3.70 -1.31 -2.41
C SER A 6 3.18 -2.19 -3.58
N GLY A 7 3.28 -1.66 -4.82
CA GLY A 7 2.83 -2.36 -6.03
C GLY A 7 1.64 -1.62 -6.68
N LYS A 8 0.41 -2.04 -6.35
CA LYS A 8 -0.84 -1.43 -6.88
C LYS A 8 -2.06 -1.74 -5.98
N LEU A 9 -2.53 -3.01 -5.91
CA LEU A 9 -3.71 -3.41 -5.10
C LEU A 9 -3.49 -3.53 -3.57
N ILE A 10 -2.31 -3.95 -3.06
CA ILE A 10 -2.07 -4.09 -1.58
C ILE A 10 -1.65 -2.71 -0.97
N ASP A 11 -2.64 -2.03 -0.35
CA ASP A 11 -2.47 -0.71 0.30
C ASP A 11 -3.10 -0.86 1.72
N THR A 12 -2.32 -1.42 2.68
CA THR A 12 -2.81 -1.65 4.08
C THR A 12 -2.35 -0.52 5.05
N THR A 13 -1.12 -0.57 5.60
CA THR A 13 -0.59 0.45 6.54
C THR A 13 0.11 1.62 5.79
N ALA A 14 -0.48 2.82 5.92
CA ALA A 14 0.04 4.05 5.28
C ALA A 14 1.23 4.72 6.01
C ACE A 1 3.09 -0.07 8.14
O ACE A 1 2.02 0.17 7.60
CH3 ACE A 1 3.41 -1.48 8.65
H1 ACE A 1 2.57 -2.16 8.45
H2 ACE A 1 4.30 -1.89 8.15
H3 ACE A 1 3.58 -1.49 9.74
N ILE A 2 4.06 0.85 8.34
CA ILE A 2 3.93 2.27 7.91
C ILE A 2 4.52 2.38 6.48
N TRP A 3 3.65 2.28 5.47
CA TRP A 3 4.02 2.34 4.03
C TRP A 3 2.75 2.69 3.20
N GLY A 4 2.86 3.61 2.21
CA GLY A 4 1.72 4.01 1.35
C GLY A 4 1.16 2.90 0.43
N DAB A 5 1.82 2.66 -0.71
CA DAB A 5 1.39 1.61 -1.68
C DAB A 5 2.65 0.91 -2.27
O DAB A 5 3.52 1.56 -2.84
CB DAB A 5 0.49 2.20 -2.79
CG DAB A 5 -0.40 1.17 -3.54
ND DAB A 5 -1.35 0.44 -2.67
H DAB A 5 2.66 3.23 -0.86
HA DAB A 5 0.80 0.86 -1.12
HB2 DAB A 5 -0.19 2.97 -2.36
HB3 DAB A 5 1.10 2.76 -3.52
HG2 DAB A 5 -0.94 1.67 -4.36
HG3 DAB A 5 0.25 0.42 -4.04
HD2 DAB A 5 -1.16 -0.51 -2.31
N SER A 6 2.70 -0.42 -2.12
CA SER A 6 3.82 -1.26 -2.63
C SER A 6 3.30 -2.13 -3.80
N GLY A 7 3.21 -1.53 -5.00
CA GLY A 7 2.72 -2.21 -6.22
C GLY A 7 1.46 -1.51 -6.76
N LYS A 8 0.27 -2.04 -6.41
CA LYS A 8 -1.03 -1.48 -6.87
C LYS A 8 -2.20 -1.91 -5.94
N LEU A 9 -2.59 -3.20 -5.91
CA LEU A 9 -3.72 -3.70 -5.08
C LEU A 9 -3.46 -3.76 -3.53
N ILE A 10 -2.24 -4.09 -3.06
CA ILE A 10 -1.92 -4.15 -1.59
C ILE A 10 -1.52 -2.71 -1.15
N ASP A 11 -2.45 -2.03 -0.45
CA ASP A 11 -2.31 -0.63 0.04
C ASP A 11 -2.84 -0.61 1.50
N THR A 12 -1.98 -0.85 2.51
CA THR A 12 -2.38 -0.83 3.95
C THR A 12 -2.69 0.57 4.51
N THR A 13 -1.77 1.56 4.39
CA THR A 13 -1.99 2.95 4.89
C THR A 13 -1.63 3.99 3.78
N ALA A 14 -2.47 4.06 2.74
CA ALA A 14 -2.27 5.00 1.60
C ALA A 14 -2.97 6.36 1.84
C ACE A 1 -6.18 4.16 0.73
O ACE A 1 -5.78 3.00 0.62
CH3 ACE A 1 -7.60 4.46 1.16
H1 ACE A 1 -7.63 5.05 2.10
H2 ACE A 1 -8.17 5.01 0.38
H3 ACE A 1 -8.16 3.51 1.36
N ILE A 2 -5.42 5.24 0.50
CA ILE A 2 -3.98 5.15 0.07
C ILE A 2 -3.12 5.16 1.36
N TRP A 3 -2.59 3.97 1.75
CA TRP A 3 -1.77 3.82 2.97
C TRP A 3 -0.50 3.00 2.62
N GLY A 4 0.53 3.65 2.06
CA GLY A 4 1.80 2.99 1.66
C GLY A 4 1.63 1.97 0.51
N DAB A 5 1.58 2.45 -0.74
CA DAB A 5 1.38 1.56 -1.92
C DAB A 5 2.73 1.13 -2.56
O DAB A 5 3.54 1.96 -2.97
CB DAB A 5 0.44 2.24 -2.97
CG DAB A 5 -0.62 1.29 -3.58
ND DAB A 5 -1.60 0.73 -2.62
H DAB A 5 1.73 3.47 -0.81
HA DAB A 5 0.86 0.66 -1.56
HB2 DAB A 5 -0.10 3.10 -2.53
HB3 DAB A 5 1.02 2.69 -3.79
HG2 DAB A 5 -1.17 1.81 -4.40
HG3 DAB A 5 -0.10 0.45 -4.08
HD2 DAB A 5 -1.54 -0.25 -2.29
N SER A 6 2.93 -0.20 -2.63
CA SER A 6 4.16 -0.81 -3.22
C SER A 6 3.91 -1.25 -4.69
N GLY A 7 3.11 -2.30 -4.92
CA GLY A 7 2.78 -2.80 -6.27
C GLY A 7 1.59 -2.06 -6.90
N LYS A 8 0.35 -2.46 -6.53
CA LYS A 8 -0.90 -1.83 -7.06
C LYS A 8 -2.04 -1.93 -5.99
N LEU A 9 -2.59 -3.13 -5.75
CA LEU A 9 -3.69 -3.34 -4.75
C LEU A 9 -3.34 -3.30 -3.23
N ILE A 10 -2.08 -3.57 -2.83
CA ILE A 10 -1.65 -3.57 -1.40
C ILE A 10 -1.41 -2.12 -0.85
N ASP A 11 -2.49 -1.50 -0.34
CA ASP A 11 -2.48 -0.12 0.24
C ASP A 11 -3.12 -0.22 1.65
N THR A 12 -2.35 -0.74 2.65
CA THR A 12 -2.83 -0.92 4.05
C THR A 12 -1.79 -0.39 5.09
N THR A 13 -0.54 -0.90 5.09
CA THR A 13 0.52 -0.47 6.04
C THR A 13 1.25 0.81 5.51
N ALA A 14 1.10 1.93 6.24
CA ALA A 14 1.72 3.23 5.87
C ALA A 14 3.17 3.31 6.38
C ACE A 1 -5.07 5.46 4.01
O ACE A 1 -5.09 4.28 4.33
CH3 ACE A 1 -6.05 6.47 4.61
H1 ACE A 1 -6.74 5.96 5.32
H2 ACE A 1 -5.52 7.25 5.19
H3 ACE A 1 -6.66 6.95 3.84
N ILE A 2 -4.20 5.97 3.11
CA ILE A 2 -3.17 5.13 2.42
C ILE A 2 -1.93 5.02 3.35
N TRP A 3 -1.53 3.78 3.66
CA TRP A 3 -0.37 3.50 4.55
C TRP A 3 0.58 2.52 3.83
N GLY A 4 1.56 3.06 3.07
CA GLY A 4 2.54 2.24 2.33
C GLY A 4 2.01 1.61 1.03
N DAB A 5 2.24 2.29 -0.12
CA DAB A 5 1.80 1.78 -1.45
C DAB A 5 3.03 1.37 -2.30
O DAB A 5 3.93 2.18 -2.54
CB DAB A 5 0.92 2.83 -2.19
CG DAB A 5 0.08 2.28 -3.37
ND DAB A 5 -0.98 1.33 -2.95
H DAB A 5 2.79 3.14 -0.02
HA DAB A 5 1.15 0.89 -1.30
HB2 DAB A 5 0.24 3.33 -1.47
HB3 DAB A 5 1.56 3.66 -2.56
HG2 DAB A 5 -0.37 3.11 -3.93
HG3 DAB A 5 0.74 1.77 -4.10
HD2 DAB A 5 -0.82 0.30 -2.88
N SER A 6 3.06 0.10 -2.74
CA SER A 6 4.16 -0.46 -3.57
C SER A 6 3.66 -0.72 -5.02
N GLY A 7 2.89 -1.80 -5.23
CA GLY A 7 2.35 -2.17 -6.56
C GLY A 7 0.93 -1.60 -6.80
N LYS A 8 -0.10 -2.45 -6.61
CA LYS A 8 -1.53 -2.04 -6.80
C LYS A 8 -2.43 -2.47 -5.61
N LEU A 9 -2.69 -3.78 -5.38
CA LEU A 9 -3.56 -4.27 -4.26
C LEU A 9 -3.08 -3.97 -2.81
N ILE A 10 -1.76 -4.04 -2.53
CA ILE A 10 -1.19 -3.75 -1.18
C ILE A 10 -0.96 -2.20 -1.03
N ASP A 11 -2.01 -1.51 -0.56
CA ASP A 11 -2.01 -0.03 -0.37
C ASP A 11 -2.39 0.46 1.06
N THR A 12 -3.47 -0.06 1.68
CA THR A 12 -3.90 0.34 3.05
C THR A 12 -3.38 -0.74 4.05
N THR A 13 -2.15 -0.55 4.57
CA THR A 13 -1.52 -1.51 5.53
C THR A 13 -0.81 -0.70 6.66
N ALA A 14 -1.47 -0.59 7.83
CA ALA A 14 -0.93 0.16 8.99
C ALA A 14 0.03 -0.73 9.82
C ACE A 1 -5.06 5.47 4.07
O ACE A 1 -5.09 4.27 4.41
CH3 ACE A 1 -6.02 6.47 4.69
H1 ACE A 1 -6.70 5.98 5.41
H2 ACE A 1 -5.48 7.26 5.24
H3 ACE A 1 -6.66 6.95 3.93
N ILE A 2 -4.20 5.97 3.17
CA ILE A 2 -3.18 5.12 2.46
C ILE A 2 -1.93 5.00 3.38
N TRP A 3 -1.54 3.75 3.68
CA TRP A 3 -0.37 3.46 4.57
C TRP A 3 0.60 2.51 3.80
N GLY A 4 1.55 3.08 3.05
CA GLY A 4 2.54 2.30 2.28
C GLY A 4 2.01 1.65 0.98
N DAB A 5 2.20 2.34 -0.16
CA DAB A 5 1.75 1.82 -1.49
C DAB A 5 2.99 1.41 -2.33
O DAB A 5 3.88 2.23 -2.58
CB DAB A 5 0.87 2.86 -2.24
CG DAB A 5 0.02 2.28 -3.42
ND DAB A 5 -1.03 1.32 -2.98
H DAB A 5 2.72 3.22 -0.06
HA DAB A 5 1.11 0.93 -1.33
HB2 DAB A 5 0.18 3.36 -1.53
HB3 DAB A 5 1.50 3.69 -2.63
HG2 DAB A 5 -0.44 3.10 -3.98
HG3 DAB A 5 0.68 1.77 -4.14
HD2 DAB A 5 -0.86 0.30 -2.92
N SER A 6 3.02 0.14 -2.76
CA SER A 6 4.13 -0.42 -3.58
C SER A 6 3.65 -0.76 -5.02
N GLY A 7 2.90 -1.85 -5.19
CA GLY A 7 2.38 -2.29 -6.51
C GLY A 7 1.00 -1.71 -6.86
N LYS A 8 -0.07 -2.41 -6.45
CA LYS A 8 -1.47 -1.97 -6.72
C LYS A 8 -2.41 -2.39 -5.53
N LEU A 9 -2.72 -3.70 -5.36
CA LEU A 9 -3.61 -4.20 -4.28
C LEU A 9 -3.11 -3.96 -2.81
N ILE A 10 -1.79 -4.01 -2.56
CA ILE A 10 -1.20 -3.78 -1.20
C ILE A 10 -0.95 -2.24 -1.02
N ASP A 11 -2.02 -1.54 -0.58
CA ASP A 11 -2.01 -0.07 -0.38
C ASP A 11 -2.38 0.42 1.05
N THR A 12 -3.45 -0.11 1.68
CA THR A 12 -3.87 0.27 3.06
C THR A 12 -3.33 -0.81 4.04
N THR A 13 -2.11 -0.62 4.55
CA THR A 13 -1.45 -1.56 5.49
C THR A 13 -0.74 -0.76 6.62
N ALA A 14 -1.39 -0.65 7.81
CA ALA A 14 -0.84 0.09 8.97
C ALA A 14 0.13 -0.80 9.78
C ACE A 1 -5.35 2.23 6.11
O ACE A 1 -4.91 1.13 5.78
CH3 ACE A 1 -5.96 2.44 7.49
H1 ACE A 1 -5.39 3.19 8.07
H2 ACE A 1 -7.01 2.76 7.42
H3 ACE A 1 -5.94 1.50 8.07
N ILE A 2 -5.33 3.32 5.32
CA ILE A 2 -4.76 3.32 3.94
C ILE A 2 -3.47 4.18 4.01
N TRP A 3 -2.30 3.53 4.08
CA TRP A 3 -0.98 4.21 4.18
C TRP A 3 0.14 3.30 3.60
N GLY A 4 0.88 3.78 2.59
CA GLY A 4 1.97 3.00 1.98
C GLY A 4 1.49 2.09 0.82
N DAB A 5 1.86 2.42 -0.43
CA DAB A 5 1.47 1.63 -1.62
C DAB A 5 2.76 1.09 -2.31
O DAB A 5 3.63 1.87 -2.69
CB DAB A 5 0.61 2.48 -2.59
CG DAB A 5 -0.33 1.67 -3.53
ND DAB A 5 -1.40 0.94 -2.84
H DAB A 5 2.44 3.27 -0.52
HA DAB A 5 0.85 0.76 -1.30
HB2 DAB A 5 -0.03 3.19 -2.02
HB3 DAB A 5 1.25 3.15 -3.20
HG2 DAB A 5 -0.76 2.35 -4.30
HG3 DAB A 5 0.28 0.94 -4.12
HD2 DAB A 5 -1.34 -0.07 -2.65
N SER A 6 2.86 -0.24 -2.45
CA SER A 6 4.03 -0.90 -3.09
C SER A 6 3.77 -1.20 -4.59
N GLY A 7 2.96 -2.21 -4.90
CA GLY A 7 2.62 -2.59 -6.29
C GLY A 7 1.37 -1.87 -6.82
N LYS A 8 0.19 -2.46 -6.58
CA LYS A 8 -1.11 -1.89 -7.03
C LYS A 8 -2.20 -2.13 -5.93
N LEU A 9 -2.69 -3.38 -5.77
CA LEU A 9 -3.73 -3.73 -4.75
C LEU A 9 -3.31 -3.65 -3.24
N ILE A 10 -1.99 -3.72 -2.91
CA ILE A 10 -1.49 -3.64 -1.51
C ILE A 10 -1.33 -2.13 -1.10
N ASP A 11 -2.44 -1.55 -0.60
CA ASP A 11 -2.49 -0.13 -0.15
C ASP A 11 -3.13 -0.11 1.28
N THR A 12 -2.31 -0.48 2.30
CA THR A 12 -2.76 -0.52 3.73
C THR A 12 -1.56 -0.29 4.71
N THR A 13 -0.46 -1.05 4.56
CA THR A 13 0.76 -0.93 5.41
C THR A 13 2.04 -0.79 4.52
N ALA A 14 2.34 -1.76 3.63
CA ALA A 14 3.53 -1.73 2.74
C ALA A 14 3.17 -1.15 1.35
C ACE A 1 -5.49 3.07 5.45
O ACE A 1 -4.85 2.01 5.41
CH3 ACE A 1 -6.38 3.40 6.64
H1 ACE A 1 -7.43 3.55 6.34
H2 ACE A 1 -6.36 2.58 7.38
H3 ACE A 1 -6.03 4.31 7.15
N ILE A 2 -5.45 4.00 4.48
CA ILE A 2 -4.64 3.84 3.23
C ILE A 2 -3.28 4.58 3.48
N TRP A 3 -2.22 3.81 3.75
CA TRP A 3 -0.86 4.36 4.02
C TRP A 3 0.20 3.33 3.56
N GLY A 4 1.12 3.74 2.64
CA GLY A 4 2.17 2.85 2.12
C GLY A 4 1.69 1.97 0.96
N DAB A 5 2.00 2.38 -0.28
CA DAB A 5 1.60 1.64 -1.51
C DAB A 5 2.86 1.10 -2.22
O DAB A 5 3.77 1.86 -2.57
CB DAB A 5 0.76 2.57 -2.44
CG DAB A 5 -0.12 1.85 -3.49
ND DAB A 5 -1.24 1.05 -2.91
H DAB A 5 2.58 3.22 -0.34
HA DAB A 5 0.93 0.80 -1.23
HB2 DAB A 5 0.10 3.23 -1.85
HB3 DAB A 5 1.42 3.28 -2.97
HG2 DAB A 5 -0.54 2.58 -4.20
HG3 DAB A 5 0.51 1.18 -4.11
HD2 DAB A 5 -1.18 0.03 -2.82
N SER A 6 2.91 -0.23 -2.43
CA SER A 6 4.06 -0.90 -3.11
C SER A 6 3.77 -1.08 -4.62
N GLY A 7 2.92 -2.05 -4.98
CA GLY A 7 2.55 -2.33 -6.40
C GLY A 7 1.22 -1.65 -6.79
N LYS A 8 0.11 -2.39 -6.66
CA LYS A 8 -1.26 -1.88 -7.00
C LYS A 8 -2.30 -2.28 -5.90
N LEU A 9 -2.65 -3.58 -5.74
CA LEU A 9 -3.64 -4.03 -4.70
C LEU A 9 -3.27 -3.81 -3.21
N ILE A 10 -1.97 -3.90 -2.84
CA ILE A 10 -1.50 -3.70 -1.43
C ILE A 10 -1.35 -2.17 -1.14
N ASP A 11 -2.44 -1.56 -0.63
CA ASP A 11 -2.50 -0.11 -0.28
C ASP A 11 -3.19 0.02 1.11
N THR A 12 -2.45 -0.34 2.19
CA THR A 12 -2.96 -0.29 3.59
C THR A 12 -1.77 -0.21 4.60
N THR A 13 -0.75 -1.09 4.49
CA THR A 13 0.45 -1.11 5.37
C THR A 13 1.70 -0.80 4.48
N ALA A 14 2.07 -1.69 3.53
CA ALA A 14 3.23 -1.49 2.62
C ALA A 14 2.95 -2.22 1.29
C ACE A 1 -5.53 3.36 5.13
O ACE A 1 -4.90 2.30 5.19
CH3 ACE A 1 -6.49 3.73 6.26
H1 ACE A 1 -6.53 2.95 7.03
H2 ACE A 1 -6.17 4.67 6.76
H3 ACE A 1 -7.52 3.88 5.89
N ILE A 2 -5.42 4.25 4.14
CA ILE A 2 -4.54 4.04 2.96
C ILE A 2 -3.19 4.78 3.27
N TRP A 3 -2.14 4.00 3.60
CA TRP A 3 -0.80 4.55 3.94
C TRP A 3 0.27 3.50 3.54
N GLY A 4 1.08 3.81 2.51
CA GLY A 4 2.13 2.89 2.02
C GLY A 4 1.59 1.98 0.89
N DAB A 5 1.99 2.25 -0.36
CA DAB A 5 1.55 1.46 -1.54
C DAB A 5 2.78 0.77 -2.21
O DAB A 5 3.73 1.45 -2.59
CB DAB A 5 0.78 2.37 -2.54
CG DAB A 5 -0.10 1.64 -3.59
ND DAB A 5 -1.23 0.87 -3.00
H DAB A 5 2.65 3.03 -0.46
HA DAB A 5 0.83 0.68 -1.20
HB2 DAB A 5 0.12 3.07 -1.98
HB3 DAB A 5 1.49 3.04 -3.07
HG2 DAB A 5 -0.48 2.36 -4.33
HG3 DAB A 5 0.53 0.93 -4.17
HD2 DAB A 5 -1.19 -0.14 -2.87
N SER A 6 2.70 -0.56 -2.37
CA SER A 6 3.78 -1.35 -3.00
C SER A 6 3.17 -2.07 -4.24
N GLY A 7 3.17 -1.37 -5.40
CA GLY A 7 2.62 -1.91 -6.66
C GLY A 7 1.23 -1.33 -6.99
N LYS A 8 0.17 -2.00 -6.51
CA LYS A 8 -1.24 -1.57 -6.75
C LYS A 8 -2.23 -2.16 -5.71
N LEU A 9 -2.42 -3.51 -5.67
CA LEU A 9 -3.37 -4.18 -4.72
C LEU A 9 -3.13 -3.97 -3.20
N ILE A 10 -1.86 -4.00 -2.74
CA ILE A 10 -1.50 -3.79 -1.31
C ILE A 10 -1.34 -2.25 -1.06
N ASP A 11 -2.44 -1.61 -0.62
CA ASP A 11 -2.48 -0.15 -0.34
C ASP A 11 -3.16 0.06 1.06
N THR A 12 -2.42 -0.22 2.15
CA THR A 12 -2.90 -0.07 3.55
C THR A 12 -1.73 0.06 4.57
N THR A 13 -0.68 -0.77 4.47
CA THR A 13 0.52 -0.75 5.36
C THR A 13 1.80 -0.79 4.47
N ALA A 14 2.05 -1.89 3.73
CA ALA A 14 3.25 -2.03 2.86
C ALA A 14 3.00 -1.42 1.46
C ACE A 1 -4.74 5.75 -2.13
O ACE A 1 -4.66 4.52 -2.12
CH3 ACE A 1 -6.10 6.43 -2.21
H1 ACE A 1 -6.18 7.08 -3.11
H2 ACE A 1 -6.92 5.69 -2.28
H3 ACE A 1 -6.30 7.05 -1.32
N ILE A 2 -3.68 6.58 -2.06
CA ILE A 2 -2.27 6.10 -1.97
C ILE A 2 -1.82 6.33 -0.50
N TRP A 3 -1.78 5.25 0.29
CA TRP A 3 -1.36 5.28 1.72
C TRP A 3 -0.60 3.95 1.99
N GLY A 4 0.73 3.96 1.84
CA GLY A 4 1.58 2.75 2.01
C GLY A 4 1.35 1.73 0.88
N DAB A 5 1.77 2.08 -0.36
CA DAB A 5 1.56 1.24 -1.56
C DAB A 5 2.84 0.60 -2.13
O DAB A 5 3.84 1.28 -2.40
CB DAB A 5 0.83 2.10 -2.65
CG DAB A 5 -0.06 1.31 -3.65
ND DAB A 5 -1.23 0.65 -3.02
H DAB A 5 2.31 2.96 -0.38
HA DAB A 5 0.84 0.43 -1.28
HB2 DAB A 5 0.19 2.87 -2.18
HB3 DAB A 5 1.57 2.69 -3.23
HG2 DAB A 5 -0.41 2.00 -4.45
HG3 DAB A 5 0.54 0.55 -4.17
HD2 DAB A 5 -1.20 -0.32 -2.70
N SER A 6 2.79 -0.73 -2.35
CA SER A 6 3.89 -1.52 -2.95
C SER A 6 3.29 -2.17 -4.22
N GLY A 7 3.24 -1.41 -5.33
CA GLY A 7 2.67 -1.88 -6.61
C GLY A 7 1.30 -1.20 -6.85
N LYS A 8 0.21 -1.87 -6.42
CA LYS A 8 -1.18 -1.34 -6.56
C LYS A 8 -2.22 -2.01 -5.62
N LEU A 9 -2.41 -3.35 -5.66
CA LEU A 9 -3.39 -4.07 -4.80
C LEU A 9 -3.20 -3.92 -3.25
N ILE A 10 -1.94 -3.97 -2.77
CA ILE A 10 -1.62 -3.80 -1.32
C ILE A 10 -1.40 -2.28 -1.04
N ASP A 11 -2.48 -1.60 -0.61
CA ASP A 11 -2.45 -0.14 -0.31
C ASP A 11 -3.03 0.11 1.12
N THR A 12 -2.22 -0.20 2.16
CA THR A 12 -2.61 -0.03 3.59
C THR A 12 -1.32 0.23 4.43
N THR A 13 -0.45 -0.78 4.61
CA THR A 13 0.82 -0.66 5.37
C THR A 13 2.01 -0.56 4.35
N ALA A 14 2.28 -1.64 3.57
CA ALA A 14 3.36 -1.65 2.56
C ALA A 14 2.88 -2.50 1.38
C ACE A 1 -4.70 5.78 -2.06
O ACE A 1 -4.64 4.55 -2.04
CH3 ACE A 1 -6.06 6.47 -2.15
H1 ACE A 1 -6.14 7.11 -3.05
H2 ACE A 1 -6.88 5.73 -2.21
H3 ACE A 1 -6.24 7.11 -1.27
N ILE A 2 -3.65 6.59 -2.02
CA ILE A 2 -2.23 6.10 -1.93
C ILE A 2 -1.76 6.34 -0.46
N TRP A 3 -1.75 5.26 0.34
CA TRP A 3 -1.33 5.29 1.76
C TRP A 3 -0.59 3.95 2.03
N GLY A 4 0.76 3.96 1.86
CA GLY A 4 1.59 2.74 2.03
C GLY A 4 1.35 1.73 0.89
N DAB A 5 1.78 2.07 -0.35
CA DAB A 5 1.55 1.24 -1.55
C DAB A 5 2.84 0.60 -2.14
O DAB A 5 3.83 1.28 -2.39
CB DAB A 5 0.83 2.11 -2.64
CG DAB A 5 -0.07 1.34 -3.64
ND DAB A 5 -1.23 0.67 -3.01
H DAB A 5 2.32 2.95 -0.36
HA DAB A 5 0.84 0.43 -1.28
HB2 DAB A 5 0.19 2.88 -2.16
HB3 DAB A 5 1.57 2.71 -3.20
HG2 DAB A 5 -0.41 2.03 -4.44
HG3 DAB A 5 0.53 0.57 -4.17
HD2 DAB A 5 -1.20 -0.31 -2.71
N SER A 6 2.78 -0.73 -2.35
CA SER A 6 3.88 -1.51 -2.96
C SER A 6 3.26 -2.17 -4.23
N GLY A 7 3.25 -1.42 -5.36
CA GLY A 7 2.67 -1.88 -6.63
C GLY A 7 1.30 -1.21 -6.87
N LYS A 8 0.21 -1.87 -6.42
CA LYS A 8 -1.18 -1.34 -6.56
C LYS A 8 -2.21 -2.02 -5.62
N LEU A 9 -2.39 -3.37 -5.66
CA LEU A 9 -3.37 -4.09 -4.80
C LEU A 9 -3.19 -3.93 -3.25
N ILE A 10 -1.93 -3.96 -2.76
CA ILE A 10 -1.61 -3.80 -1.31
C ILE A 10 -1.40 -2.28 -1.03
N ASP A 11 -2.48 -1.58 -0.61
CA ASP A 11 -2.46 -0.12 -0.31
C ASP A 11 -3.05 0.12 1.12
N THR A 12 -2.24 -0.19 2.16
CA THR A 12 -2.63 -0.01 3.59
C THR A 12 -1.35 0.22 4.43
N THR A 13 -0.48 -0.80 4.60
CA THR A 13 0.79 -0.70 5.36
C THR A 13 1.98 -0.59 4.35
N ALA A 14 2.26 -1.65 3.56
CA ALA A 14 3.35 -1.66 2.57
C ALA A 14 2.89 -2.50 1.36
C ACE A 1 -5.40 3.26 5.45
O ACE A 1 -4.77 2.20 5.45
CH3 ACE A 1 -6.26 3.65 6.65
H1 ACE A 1 -7.32 3.78 6.37
H2 ACE A 1 -6.22 2.86 7.43
H3 ACE A 1 -5.90 4.58 7.13
N ILE A 2 -5.40 4.15 4.45
CA ILE A 2 -4.61 3.95 3.18
C ILE A 2 -3.25 4.69 3.37
N TRP A 3 -2.18 3.92 3.64
CA TRP A 3 -0.81 4.46 3.85
C TRP A 3 0.24 3.41 3.42
N GLY A 4 1.14 3.77 2.49
CA GLY A 4 2.19 2.84 1.99
C GLY A 4 1.68 1.92 0.87
N DAB A 5 1.95 2.28 -0.40
CA DAB A 5 1.51 1.49 -1.58
C DAB A 5 2.74 0.83 -2.26
O DAB A 5 3.69 1.51 -2.65
CB DAB A 5 0.72 2.39 -2.57
CG DAB A 5 -0.19 1.64 -3.58
ND DAB A 5 -1.31 0.89 -2.96
H DAB A 5 2.54 3.12 -0.50
HA DAB A 5 0.81 0.70 -1.24
HB2 DAB A 5 0.08 3.10 -2.02
HB3 DAB A 5 1.42 3.04 -3.14
HG2 DAB A 5 -0.58 2.35 -4.33
HG3 DAB A 5 0.42 0.92 -4.17
HD2 DAB A 5 -1.28 -0.12 -2.83
N SER A 6 2.70 -0.50 -2.40
CA SER A 6 3.79 -1.29 -3.03
C SER A 6 3.20 -2.04 -4.27
N GLY A 7 3.18 -1.37 -5.43
CA GLY A 7 2.65 -1.95 -6.68
C GLY A 7 1.27 -1.40 -7.04
N LYS A 8 0.20 -2.05 -6.54
CA LYS A 8 -1.20 -1.64 -6.82
C LYS A 8 -2.20 -2.19 -5.75
N LEU A 9 -2.41 -3.52 -5.66
CA LEU A 9 -3.37 -4.15 -4.69
C LEU A 9 -3.11 -3.93 -3.17
N ILE A 10 -1.84 -3.92 -2.71
CA ILE A 10 -1.49 -3.73 -1.28
C ILE A 10 -1.35 -2.19 -1.01
N ASP A 11 -2.47 -1.57 -0.58
CA ASP A 11 -2.54 -0.11 -0.27
C ASP A 11 -3.23 0.05 1.12
N THR A 12 -2.49 -0.26 2.21
CA THR A 12 -2.99 -0.16 3.61
C THR A 12 -1.81 -0.03 4.63
N THR A 13 -0.80 -0.92 4.56
CA THR A 13 0.40 -0.91 5.45
C THR A 13 1.67 -0.68 4.57
N ALA A 14 2.02 -1.63 3.67
CA ALA A 14 3.20 -1.51 2.78
C ALA A 14 2.92 -2.29 1.49
C ACE A 1 -5.59 2.98 5.39
O ACE A 1 -5.09 1.86 5.26
CH3 ACE A 1 -6.39 3.33 6.63
H1 ACE A 1 -5.93 4.15 7.20
H2 ACE A 1 -7.43 3.63 6.38
H3 ACE A 1 -6.46 2.46 7.32
N ILE A 2 -5.46 3.97 4.49
CA ILE A 2 -4.70 3.83 3.21
C ILE A 2 -3.37 4.60 3.42
N TRP A 3 -2.26 3.87 3.66
CA TRP A 3 -0.92 4.47 3.88
C TRP A 3 0.16 3.45 3.45
N GLY A 4 1.00 3.81 2.46
CA GLY A 4 2.07 2.92 1.96
C GLY A 4 1.56 2.00 0.83
N DAB A 5 1.96 2.26 -0.42
CA DAB A 5 1.53 1.44 -1.59
C DAB A 5 2.77 0.77 -2.24
O DAB A 5 3.72 1.44 -2.64
CB DAB A 5 0.76 2.33 -2.61
CG DAB A 5 -0.14 1.56 -3.62
ND DAB A 5 -1.26 0.84 -2.99
H DAB A 5 2.61 3.05 -0.52
HA DAB A 5 0.83 0.66 -1.25
HB2 DAB A 5 0.12 3.06 -2.07
HB3 DAB A 5 1.46 2.97 -3.17
HG2 DAB A 5 -0.53 2.27 -4.38
HG3 DAB A 5 0.48 0.83 -4.19
HD2 DAB A 5 -1.23 -0.18 -2.83
N SER A 6 2.72 -0.57 -2.36
CA SER A 6 3.81 -1.37 -2.98
C SER A 6 3.23 -2.10 -4.23
N GLY A 7 3.17 -1.39 -5.37
CA GLY A 7 2.64 -1.94 -6.63
C GLY A 7 1.26 -1.35 -6.98
N LYS A 8 0.18 -2.01 -6.51
CA LYS A 8 -1.22 -1.57 -6.77
C LYS A 8 -2.22 -2.13 -5.72
N LEU A 9 -2.44 -3.47 -5.67
CA LEU A 9 -3.40 -4.12 -4.72
C LEU A 9 -3.14 -3.92 -3.20
N ILE A 10 -1.87 -3.96 -2.74
CA ILE A 10 -1.50 -3.76 -1.32
C ILE A 10 -1.34 -2.23 -1.04
N ASP A 11 -2.44 -1.59 -0.60
CA ASP A 11 -2.49 -0.13 -0.29
C ASP A 11 -3.15 0.05 1.11
N THR A 12 -2.40 -0.25 2.19
CA THR A 12 -2.88 -0.14 3.59
C THR A 12 -1.70 -0.02 4.61
N THR A 13 -0.64 -0.85 4.49
CA THR A 13 0.55 -0.83 5.38
C THR A 13 1.83 -0.82 4.49
N ALA A 14 2.11 -1.91 3.72
CA ALA A 14 3.29 -2.00 2.84
C ALA A 14 3.01 -1.38 1.45
C ACE A 1 -5.59 3.32 5.09
O ACE A 1 -4.99 2.24 5.13
CH3 ACE A 1 -6.54 3.71 6.22
H1 ACE A 1 -7.56 3.89 5.83
H2 ACE A 1 -6.61 2.90 6.98
H3 ACE A 1 -6.21 4.62 6.74
N ILE A 2 -5.45 4.23 4.12
CA ILE A 2 -4.55 4.03 2.94
C ILE A 2 -3.22 4.76 3.26
N TRP A 3 -2.16 3.99 3.60
CA TRP A 3 -0.83 4.54 3.94
C TRP A 3 0.25 3.50 3.53
N GLY A 4 1.06 3.81 2.51
CA GLY A 4 2.12 2.90 2.01
C GLY A 4 1.59 1.98 0.88
N DAB A 5 1.98 2.26 -0.37
CA DAB A 5 1.55 1.46 -1.54
C DAB A 5 2.78 0.78 -2.21
O DAB A 5 3.74 1.46 -2.59
CB DAB A 5 0.78 2.37 -2.55
CG DAB A 5 -0.10 1.64 -3.59
ND DAB A 5 -1.23 0.87 -3.00
H DAB A 5 2.64 3.05 -0.46
HA DAB A 5 0.84 0.68 -1.21
HB2 DAB A 5 0.13 3.08 -1.99
HB3 DAB A 5 1.49 3.04 -3.08
HG2 DAB A 5 -0.48 2.36 -4.33
HG3 DAB A 5 0.53 0.94 -4.17
HD2 DAB A 5 -1.20 -0.14 -2.88
N SER A 6 2.72 -0.54 -2.36
CA SER A 6 3.80 -1.34 -2.99
C SER A 6 3.21 -2.08 -4.24
N GLY A 7 3.15 -1.37 -5.38
CA GLY A 7 2.61 -1.93 -6.64
C GLY A 7 1.24 -1.35 -6.99
N LYS A 8 0.16 -2.03 -6.52
CA LYS A 8 -1.25 -1.60 -6.78
C LYS A 8 -2.24 -2.17 -5.72
N LEU A 9 -2.45 -3.51 -5.67
CA LEU A 9 -3.39 -4.16 -4.72
C LEU A 9 -3.13 -3.94 -3.19
N ILE A 10 -1.86 -3.99 -2.75
CA ILE A 10 -1.49 -3.78 -1.32
C ILE A 10 -1.33 -2.25 -1.07
N ASP A 11 -2.43 -1.61 -0.62
CA ASP A 11 -2.48 -0.15 -0.33
C ASP A 11 -3.16 0.05 1.07
N THR A 12 -2.40 -0.23 2.15
CA THR A 12 -2.90 -0.11 3.55
C THR A 12 -1.72 0.04 4.57
N THR A 13 -0.67 -0.80 4.47
CA THR A 13 0.53 -0.76 5.36
C THR A 13 1.81 -0.80 4.47
N ALA A 14 2.07 -1.90 3.72
CA ALA A 14 3.26 -2.03 2.84
C ALA A 14 3.01 -1.39 1.46
C ACE A 1 -5.55 2.97 5.47
O ACE A 1 -5.04 1.86 5.33
CH3 ACE A 1 -6.35 3.30 6.72
H1 ACE A 1 -5.90 4.14 7.28
H2 ACE A 1 -7.40 3.59 6.47
H3 ACE A 1 -6.41 2.44 7.40
N ILE A 2 -5.44 3.97 4.57
CA ILE A 2 -4.69 3.82 3.29
C ILE A 2 -3.35 4.59 3.49
N TRP A 3 -2.25 3.85 3.72
CA TRP A 3 -0.90 4.43 3.95
C TRP A 3 0.18 3.41 3.50
N GLY A 4 1.02 3.79 2.51
CA GLY A 4 2.07 2.91 1.98
C GLY A 4 1.55 2.00 0.85
N DAB A 5 1.96 2.27 -0.41
CA DAB A 5 1.53 1.47 -1.59
C DAB A 5 2.77 0.79 -2.25
O DAB A 5 3.73 1.47 -2.64
CB DAB A 5 0.75 2.37 -2.60
CG DAB A 5 -0.14 1.61 -3.61
ND DAB A 5 -1.27 0.87 -2.99
H DAB A 5 2.61 3.06 -0.51
HA DAB A 5 0.82 0.68 -1.25
HB2 DAB A 5 0.12 3.09 -2.05
HB3 DAB A 5 1.46 3.01 -3.16
HG2 DAB A 5 -0.53 2.31 -4.36
HG3 DAB A 5 0.47 0.89 -4.18
HD2 DAB A 5 -1.24 -0.14 -2.83
N SER A 6 2.72 -0.54 -2.38
CA SER A 6 3.81 -1.34 -3.00
C SER A 6 3.24 -2.09 -4.23
N GLY A 7 3.17 -1.40 -5.38
CA GLY A 7 2.64 -1.96 -6.64
C GLY A 7 1.26 -1.39 -7.00
N LYS A 8 0.18 -2.05 -6.53
CA LYS A 8 -1.21 -1.62 -6.82
C LYS A 8 -2.22 -2.16 -5.75
N LEU A 9 -2.45 -3.49 -5.67
CA LEU A 9 -3.41 -4.11 -4.70
C LEU A 9 -3.14 -3.90 -3.18
N ILE A 10 -1.87 -3.94 -2.74
CA ILE A 10 -1.49 -3.74 -1.31
C ILE A 10 -1.32 -2.21 -1.04
N ASP A 11 -2.43 -1.58 -0.60
CA ASP A 11 -2.48 -0.11 -0.29
C ASP A 11 -3.15 0.05 1.11
N THR A 12 -2.40 -0.26 2.19
CA THR A 12 -2.90 -0.16 3.60
C THR A 12 -1.71 -0.07 4.61
N THR A 13 -0.69 -0.94 4.50
CA THR A 13 0.50 -0.96 5.40
C THR A 13 1.79 -0.89 4.52
N ALA A 14 2.10 -1.94 3.72
CA ALA A 14 3.29 -1.98 2.84
C ALA A 14 3.01 -1.33 1.46
C ACE A 1 -7.72 4.03 2.12
O ACE A 1 -7.80 2.81 1.97
CH3 ACE A 1 -8.88 4.82 2.70
H1 ACE A 1 -8.60 5.34 3.63
H2 ACE A 1 -9.25 5.58 1.99
H3 ACE A 1 -9.74 4.16 2.94
N ILE A 2 -6.63 4.75 1.80
CA ILE A 2 -5.39 4.16 1.23
C ILE A 2 -4.16 4.84 1.91
N TRP A 3 -3.12 4.05 2.22
CA TRP A 3 -1.88 4.54 2.88
C TRP A 3 -0.72 3.54 2.64
N GLY A 4 0.37 3.97 1.98
CA GLY A 4 1.55 3.11 1.70
C GLY A 4 1.28 2.03 0.63
N DAB A 5 1.46 2.39 -0.66
CA DAB A 5 1.22 1.45 -1.79
C DAB A 5 2.53 0.79 -2.27
O DAB A 5 3.49 1.46 -2.65
CB DAB A 5 0.46 2.17 -2.96
CG DAB A 5 -0.56 1.29 -3.72
ND DAB A 5 -1.65 0.74 -2.88
H DAB A 5 1.83 3.34 -0.78
HA DAB A 5 0.55 0.67 -1.42
HB2 DAB A 5 -0.10 3.05 -2.58
HB3 DAB A 5 1.17 2.60 -3.68
HG2 DAB A 5 -1.00 1.86 -4.56
HG3 DAB A 5 -0.02 0.44 -4.20
HD2 DAB A 5 -1.62 -0.24 -2.55
N SER A 6 2.55 -0.56 -2.27
CA SER A 6 3.71 -1.37 -2.71
C SER A 6 3.25 -2.23 -3.92
N GLY A 7 3.30 -1.64 -5.13
CA GLY A 7 2.88 -2.34 -6.37
C GLY A 7 1.61 -1.71 -6.96
N LYS A 8 0.43 -2.19 -6.53
CA LYS A 8 -0.88 -1.68 -7.00
C LYS A 8 -2.06 -1.94 -6.01
N LEU A 9 -2.43 -3.21 -5.74
CA LEU A 9 -3.56 -3.57 -4.84
C LEU A 9 -3.30 -3.47 -3.29
N ILE A 10 -2.07 -3.69 -2.79
CA ILE A 10 -1.77 -3.62 -1.33
C ILE A 10 -1.47 -2.14 -0.89
N ASP A 11 -2.54 -1.43 -0.48
CA ASP A 11 -2.44 -0.01 -0.02
C ASP A 11 -2.84 0.10 1.49
N THR A 12 -2.03 -0.52 2.36
CA THR A 12 -2.21 -0.54 3.84
C THR A 12 -0.78 -0.79 4.40
N THR A 13 -0.26 -2.04 4.32
CA THR A 13 1.11 -2.39 4.79
C THR A 13 2.02 -2.40 3.54
N ALA A 14 2.97 -1.44 3.46
CA ALA A 14 3.90 -1.33 2.30
C ALA A 14 5.07 -2.34 2.41
C ACE A 1 -6.59 2.63 0.73
O ACE A 1 -6.25 1.85 -0.17
CH3 ACE A 1 -7.63 2.19 1.76
H1 ACE A 1 -8.00 1.17 1.55
H2 ACE A 1 -7.22 2.20 2.78
H3 ACE A 1 -8.51 2.86 1.74
N ILE A 2 -6.10 3.86 0.90
CA ILE A 2 -5.06 4.46 0.01
C ILE A 2 -3.98 5.13 0.90
N TRP A 3 -3.10 4.30 1.50
CA TRP A 3 -2.01 4.77 2.40
C TRP A 3 -0.87 3.71 2.37
N GLY A 4 0.32 4.06 1.84
CA GLY A 4 1.47 3.12 1.74
C GLY A 4 1.24 2.02 0.69
N DAB A 5 1.45 2.36 -0.60
CA DAB A 5 1.23 1.40 -1.73
C DAB A 5 2.53 0.69 -2.18
O DAB A 5 3.53 1.34 -2.51
CB DAB A 5 0.51 2.12 -2.91
CG DAB A 5 -0.53 1.26 -3.70
ND DAB A 5 -1.63 0.69 -2.87
H DAB A 5 1.82 3.31 -0.73
HA DAB A 5 0.52 0.63 -1.35
HB2 DAB A 5 -0.04 3.02 -2.56
HB3 DAB A 5 1.23 2.52 -3.63
HG2 DAB A 5 -0.97 1.85 -4.52
HG3 DAB A 5 -0.01 0.42 -4.19
HD2 DAB A 5 -1.62 -0.29 -2.58
N SER A 6 2.49 -0.65 -2.20
CA SER A 6 3.63 -1.50 -2.63
C SER A 6 3.16 -2.27 -3.91
N GLY A 7 3.31 -1.65 -5.09
CA GLY A 7 2.89 -2.26 -6.38
C GLY A 7 1.61 -1.59 -6.93
N LYS A 8 0.44 -2.09 -6.52
CA LYS A 8 -0.88 -1.55 -6.97
C LYS A 8 -2.06 -1.89 -6.01
N LEU A 9 -2.40 -3.19 -5.82
CA LEU A 9 -3.53 -3.62 -4.95
C LEU A 9 -3.35 -3.50 -3.41
N ILE A 10 -2.15 -3.81 -2.87
CA ILE A 10 -1.87 -3.72 -1.41
C ILE A 10 -1.52 -2.26 -1.00
N ASP A 11 -2.52 -1.54 -0.48
CA ASP A 11 -2.39 -0.13 -0.02
C ASP A 11 -2.77 -0.04 1.48
N THR A 12 -1.86 -0.52 2.36
CA THR A 12 -2.05 -0.52 3.84
C THR A 12 -0.67 -0.16 4.50
N THR A 13 0.36 -1.03 4.38
CA THR A 13 1.70 -0.77 4.97
C THR A 13 2.76 -1.28 3.95
N ALA A 14 3.51 -0.35 3.33
CA ALA A 14 4.57 -0.70 2.34
C ALA A 14 5.91 -0.96 3.06
C ACE A 1 -1.92 7.91 6.85
O ACE A 1 -1.84 8.59 5.82
CH3 ACE A 1 -3.11 8.06 7.79
H1 ACE A 1 -2.79 8.37 8.80
H2 ACE A 1 -3.82 8.83 7.42
H3 ACE A 1 -3.67 7.12 7.88
N ILE A 2 -1.01 6.99 7.21
CA ILE A 2 0.21 6.71 6.41
C ILE A 2 -0.14 5.56 5.42
N TRP A 3 -0.29 5.91 4.12
CA TRP A 3 -0.64 4.93 3.06
C TRP A 3 0.63 4.23 2.50
N GLY A 4 0.78 2.93 2.81
CA GLY A 4 1.93 2.11 2.34
C GLY A 4 1.57 1.42 1.00
N DAB A 5 1.83 2.13 -0.12
CA DAB A 5 1.53 1.61 -1.48
C DAB A 5 2.83 1.30 -2.25
O DAB A 5 3.68 2.18 -2.45
CB DAB A 5 0.63 2.64 -2.24
CG DAB A 5 -0.35 2.02 -3.27
ND DAB A 5 -1.43 1.20 -2.66
H DAB A 5 2.28 3.04 0.05
HA DAB A 5 0.93 0.68 -1.37
HB2 DAB A 5 0.03 3.25 -1.53
HB3 DAB A 5 1.25 3.40 -2.75
HG2 DAB A 5 -0.80 2.83 -3.88
HG3 DAB A 5 0.21 1.39 -3.98
HD2 DAB A 5 -1.39 0.16 -2.65
N SER A 6 2.96 0.04 -2.70
CA SER A 6 4.14 -0.44 -3.48
C SER A 6 3.73 -1.65 -4.36
N GLY A 7 3.08 -1.37 -5.50
CA GLY A 7 2.62 -2.42 -6.44
C GLY A 7 1.32 -1.99 -7.15
N LYS A 8 0.17 -2.50 -6.66
CA LYS A 8 -1.16 -2.17 -7.23
C LYS A 8 -2.25 -2.32 -6.14
N LEU A 9 -2.65 -3.56 -5.77
CA LEU A 9 -3.70 -3.82 -4.74
C LEU A 9 -3.27 -3.68 -3.24
N ILE A 10 -1.97 -3.75 -2.87
CA ILE A 10 -1.52 -3.62 -1.45
C ILE A 10 -1.36 -2.11 -1.12
N ASP A 11 -2.34 -1.56 -0.39
CA ASP A 11 -2.38 -0.12 0.01
C ASP A 11 -2.95 -0.07 1.46
N THR A 12 -2.08 -0.22 2.48
CA THR A 12 -2.49 -0.21 3.92
C THR A 12 -2.63 1.25 4.44
N THR A 13 -3.87 1.64 4.80
CA THR A 13 -4.17 3.02 5.31
C THR A 13 -3.48 3.49 6.63
N ALA A 14 -3.23 2.60 7.61
CA ALA A 14 -2.56 2.95 8.89
C ALA A 14 -1.02 3.03 8.75
C ACE A 1 -1.44 9.86 4.51
O ACE A 1 -0.55 9.86 3.65
CH3 ACE A 1 -2.52 10.94 4.52
H1 ACE A 1 -2.52 11.49 5.48
H2 ACE A 1 -2.34 11.69 3.72
H3 ACE A 1 -3.53 10.52 4.36
N ILE A 2 -1.56 8.92 5.45
CA ILE A 2 -0.61 7.78 5.60
C ILE A 2 -1.15 6.61 4.72
N TRP A 3 -0.39 6.23 3.67
CA TRP A 3 -0.77 5.14 2.75
C TRP A 3 0.52 4.41 2.27
N GLY A 4 0.66 3.13 2.65
CA GLY A 4 1.82 2.30 2.25
C GLY A 4 1.51 1.52 0.95
N DAB A 5 1.75 2.17 -0.20
CA DAB A 5 1.48 1.58 -1.54
C DAB A 5 2.81 1.22 -2.25
O DAB A 5 3.68 2.07 -2.44
CB DAB A 5 0.61 2.57 -2.38
CG DAB A 5 -0.41 1.90 -3.35
ND DAB A 5 -1.47 1.12 -2.67
H DAB A 5 2.17 3.10 -0.08
HA DAB A 5 0.88 0.66 -1.39
HB2 DAB A 5 0.04 3.25 -1.73
HB3 DAB A 5 1.26 3.25 -2.97
HG2 DAB A 5 -0.86 2.66 -4.00
HG3 DAB A 5 0.14 1.21 -4.03
HD2 DAB A 5 -1.46 0.10 -2.64
N SER A 6 2.94 -0.06 -2.64
CA SER A 6 4.15 -0.58 -3.35
C SER A 6 3.76 -1.74 -4.31
N GLY A 7 3.12 -1.40 -5.43
CA GLY A 7 2.68 -2.41 -6.43
C GLY A 7 1.39 -1.95 -7.13
N LYS A 8 0.23 -2.46 -6.66
CA LYS A 8 -1.09 -2.12 -7.23
C LYS A 8 -2.22 -2.26 -6.16
N LEU A 9 -2.62 -3.50 -5.80
CA LEU A 9 -3.70 -3.74 -4.81
C LEU A 9 -3.34 -3.63 -3.29
N ILE A 10 -2.07 -3.77 -2.86
CA ILE A 10 -1.68 -3.66 -1.42
C ILE A 10 -1.44 -2.16 -1.06
N ASP A 11 -2.43 -1.55 -0.39
CA ASP A 11 -2.41 -0.13 0.03
C ASP A 11 -2.92 -0.09 1.50
N THR A 12 -2.01 -0.33 2.48
CA THR A 12 -2.37 -0.33 3.93
C THR A 12 -2.27 1.12 4.51
N THR A 13 -3.41 1.67 4.97
CA THR A 13 -3.47 3.04 5.55
C THR A 13 -2.81 3.19 6.96
N ALA A 14 -3.15 2.32 7.94
CA ALA A 14 -2.58 2.38 9.31
C ALA A 14 -1.20 1.69 9.39
C ACE A 1 -1.73 7.66 7.21
O ACE A 1 -1.72 8.40 6.23
CH3 ACE A 1 -2.85 7.77 8.24
H1 ACE A 1 -3.38 6.81 8.38
H2 ACE A 1 -2.46 8.09 9.22
H3 ACE A 1 -3.61 8.52 7.93
N ILE A 2 -0.80 6.73 7.46
CA ILE A 2 0.36 6.48 6.57
C ILE A 2 -0.07 5.41 5.52
N TRP A 3 -0.19 5.84 4.24
CA TRP A 3 -0.58 4.92 3.13
C TRP A 3 0.66 4.22 2.55
N GLY A 4 0.81 2.91 2.84
CA GLY A 4 1.94 2.10 2.33
C GLY A 4 1.57 1.43 1.00
N DAB A 5 1.83 2.13 -0.13
CA DAB A 5 1.50 1.64 -1.48
C DAB A 5 2.80 1.32 -2.27
O DAB A 5 3.65 2.20 -2.47
CB DAB A 5 0.60 2.66 -2.23
CG DAB A 5 -0.40 2.06 -3.26
ND DAB A 5 -1.47 1.22 -2.64
H DAB A 5 2.28 3.04 0.05
HA DAB A 5 0.91 0.71 -1.38
HB2 DAB A 5 0.01 3.27 -1.51
HB3 DAB A 5 1.22 3.43 -2.74
HG2 DAB A 5 -0.84 2.86 -3.86
HG3 DAB A 5 0.17 1.42 -3.97
HD2 DAB A 5 -1.42 0.20 -2.64
N SER A 6 2.94 0.07 -2.71
CA SER A 6 4.12 -0.39 -3.49
C SER A 6 3.72 -1.63 -4.37
N GLY A 7 3.09 -1.37 -5.53
CA GLY A 7 2.65 -2.45 -6.44
C GLY A 7 1.34 -2.04 -7.16
N LYS A 8 0.20 -2.53 -6.67
CA LYS A 8 -1.13 -2.23 -7.27
C LYS A 8 -2.24 -2.34 -6.17
N LEU A 9 -2.63 -3.57 -5.78
CA LEU A 9 -3.69 -3.79 -4.75
C LEU A 9 -3.29 -3.66 -3.24
N ILE A 10 -1.98 -3.72 -2.87
CA ILE A 10 -1.54 -3.60 -1.44
C ILE A 10 -1.38 -2.08 -1.11
N ASP A 11 -2.36 -1.53 -0.38
CA ASP A 11 -2.39 -0.11 0.03
C ASP A 11 -2.96 -0.07 1.49
N THR A 12 -2.08 -0.24 2.50
CA THR A 12 -2.47 -0.25 3.94
C THR A 12 -2.63 1.21 4.47
N THR A 13 -3.86 1.57 4.90
CA THR A 13 -4.19 2.93 5.44
C THR A 13 -3.46 3.40 6.75
N ALA A 14 -3.16 2.50 7.70
CA ALA A 14 -2.50 2.85 8.98
C ALA A 14 -0.98 3.14 8.85
C ACE A 1 -1.79 7.72 7.17
O ACE A 1 -1.79 8.45 6.18
CH3 ACE A 1 -2.92 7.80 8.20
H1 ACE A 1 -3.42 6.83 8.33
H2 ACE A 1 -2.54 8.14 9.18
H3 ACE A 1 -3.70 8.53 7.87
N ILE A 2 -0.84 6.81 7.44
CA ILE A 2 0.34 6.58 6.55
C ILE A 2 -0.05 5.50 5.50
N TRP A 3 -0.17 5.91 4.23
CA TRP A 3 -0.54 4.98 3.12
C TRP A 3 0.72 4.26 2.56
N GLY A 4 0.83 2.95 2.85
CA GLY A 4 1.96 2.11 2.37
C GLY A 4 1.58 1.43 1.05
N DAB A 5 1.84 2.12 -0.08
CA DAB A 5 1.52 1.63 -1.44
C DAB A 5 2.81 1.32 -2.24
O DAB A 5 3.66 2.20 -2.44
CB DAB A 5 0.61 2.67 -2.18
CG DAB A 5 -0.36 2.07 -3.23
ND DAB A 5 -1.44 1.22 -2.65
H DAB A 5 2.31 3.02 0.09
HA DAB A 5 0.92 0.70 -1.35
HB2 DAB A 5 0.01 3.24 -1.46
HB3 DAB A 5 1.23 3.44 -2.67
HG2 DAB A 5 -0.80 2.87 -3.84
HG3 DAB A 5 0.22 1.45 -3.95
HD2 DAB A 5 -1.39 0.20 -2.65
N SER A 6 2.95 0.05 -2.69
CA SER A 6 4.12 -0.40 -3.48
C SER A 6 3.71 -1.63 -4.35
N GLY A 7 3.06 -1.36 -5.51
CA GLY A 7 2.62 -2.42 -6.44
C GLY A 7 1.32 -2.02 -7.15
N LYS A 8 0.17 -2.53 -6.68
CA LYS A 8 -1.17 -2.23 -7.27
C LYS A 8 -2.26 -2.36 -6.17
N LEU A 9 -2.64 -3.59 -5.79
CA LEU A 9 -3.71 -3.83 -4.75
C LEU A 9 -3.28 -3.69 -3.26
N ILE A 10 -1.98 -3.76 -2.88
CA ILE A 10 -1.53 -3.63 -1.47
C ILE A 10 -1.38 -2.11 -1.14
N ASP A 11 -2.36 -1.56 -0.40
CA ASP A 11 -2.39 -0.12 0.00
C ASP A 11 -2.94 -0.06 1.46
N THR A 12 -2.05 -0.22 2.46
CA THR A 12 -2.45 -0.20 3.91
C THR A 12 -2.63 1.26 4.41
N THR A 13 -3.86 1.61 4.83
CA THR A 13 -4.20 2.97 5.33
C THR A 13 -3.48 3.47 6.63
N ALA A 14 -3.22 2.59 7.62
CA ALA A 14 -2.56 2.98 8.89
C ALA A 14 -1.04 3.20 8.79
C ACE A 1 -1.69 6.88 7.73
O ACE A 1 -0.89 7.67 7.24
CH3 ACE A 1 -3.05 7.37 8.23
H1 ACE A 1 -3.15 8.46 8.12
H2 ACE A 1 -3.88 6.91 7.68
H3 ACE A 1 -3.19 7.15 9.31
N ILE A 2 -1.49 5.57 7.87
CA ILE A 2 -0.22 4.89 7.44
C ILE A 2 -0.55 4.24 6.06
N TRP A 3 -0.15 4.93 4.96
CA TRP A 3 -0.41 4.45 3.58
C TRP A 3 0.90 3.95 2.90
N GLY A 4 1.08 2.62 2.93
CA GLY A 4 2.26 1.96 2.30
C GLY A 4 1.84 1.34 0.96
N DAB A 5 1.97 2.13 -0.12
CA DAB A 5 1.58 1.69 -1.50
C DAB A 5 2.84 1.42 -2.35
O DAB A 5 3.65 2.33 -2.59
CB DAB A 5 0.62 2.72 -2.15
CG DAB A 5 -0.38 2.12 -3.17
ND DAB A 5 -1.42 1.26 -2.57
H DAB A 5 2.41 3.04 0.06
HA DAB A 5 1.00 0.74 -1.40
HB2 DAB A 5 0.04 3.26 -1.39
HB3 DAB A 5 1.21 3.53 -2.64
HG2 DAB A 5 -0.85 2.94 -3.75
HG3 DAB A 5 0.18 1.52 -3.92
HD2 DAB A 5 -1.37 0.23 -2.58
N SER A 6 2.99 0.17 -2.82
CA SER A 6 4.14 -0.26 -3.67
C SER A 6 3.74 -1.49 -4.52
N GLY A 7 3.04 -1.28 -5.65
CA GLY A 7 2.59 -2.37 -6.54
C GLY A 7 1.26 -2.01 -7.21
N LYS A 8 0.15 -2.54 -6.69
CA LYS A 8 -1.22 -2.28 -7.24
C LYS A 8 -2.28 -2.42 -6.11
N LEU A 9 -2.61 -3.65 -5.67
CA LEU A 9 -3.63 -3.90 -4.61
C LEU A 9 -3.17 -3.72 -3.12
N ILE A 10 -1.86 -3.73 -2.80
CA ILE A 10 -1.38 -3.56 -1.39
C ILE A 10 -1.30 -2.03 -1.06
N ASP A 11 -2.30 -1.53 -0.32
CA ASP A 11 -2.42 -0.11 0.08
C ASP A 11 -3.08 -0.11 1.49
N THR A 12 -2.27 -0.14 2.58
CA THR A 12 -2.78 -0.17 3.98
C THR A 12 -3.47 1.18 4.40
N THR A 13 -4.57 1.09 5.18
CA THR A 13 -5.30 2.31 5.65
C THR A 13 -4.62 2.99 6.88
N ALA A 14 -4.46 2.29 8.02
CA ALA A 14 -3.82 2.84 9.24
C ALA A 14 -3.17 1.70 10.04
C ACE A 1 -2.49 8.92 5.27
O ACE A 1 -1.79 9.13 4.27
CH3 ACE A 1 -3.75 9.76 5.51
H1 ACE A 1 -4.65 9.13 5.50
H2 ACE A 1 -3.70 10.28 6.48
H3 ACE A 1 -3.87 10.52 4.72
N ILE A 2 -2.25 7.97 6.18
CA ILE A 2 -1.06 7.06 6.10
C ILE A 2 -1.50 5.82 5.26
N TRP A 3 -0.93 5.67 4.05
CA TRP A 3 -1.26 4.56 3.12
C TRP A 3 0.04 4.10 2.42
N GLY A 4 0.49 2.86 2.71
CA GLY A 4 1.72 2.30 2.09
C GLY A 4 1.43 1.56 0.77
N DAB A 5 1.44 2.32 -0.34
CA DAB A 5 1.15 1.77 -1.70
C DAB A 5 2.48 1.58 -2.48
O DAB A 5 3.21 2.54 -2.74
CB DAB A 5 0.14 2.68 -2.46
CG DAB A 5 -1.02 1.91 -3.15
ND DAB A 5 -1.96 1.25 -2.21
H DAB A 5 1.65 3.30 -0.18
HA DAB A 5 0.66 0.78 -1.56
HB2 DAB A 5 -0.30 3.45 -1.79
HB3 DAB A 5 0.66 3.29 -3.23
HG2 DAB A 5 -1.58 2.61 -3.81
HG3 DAB A 5 -0.59 1.14 -3.81
HD2 DAB A 5 -1.92 0.25 -2.04
N SER A 6 2.75 0.32 -2.87
CA SER A 6 3.98 -0.05 -3.63
C SER A 6 3.81 -1.46 -4.27
N GLY A 7 3.13 -1.53 -5.44
CA GLY A 7 2.92 -2.81 -6.14
C GLY A 7 1.76 -2.72 -7.15
N LYS A 8 0.54 -3.10 -6.71
CA LYS A 8 -0.67 -3.07 -7.56
C LYS A 8 -1.88 -2.54 -6.72
N LEU A 9 -2.52 -3.37 -5.89
CA LEU A 9 -3.68 -2.95 -5.05
C LEU A 9 -3.47 -3.42 -3.57
N ILE A 10 -2.40 -2.92 -2.92
CA ILE A 10 -2.05 -3.24 -1.51
C ILE A 10 -1.67 -1.90 -0.85
N ASP A 11 -2.65 -1.27 -0.17
CA ASP A 11 -2.48 0.03 0.53
C ASP A 11 -2.79 -0.21 2.03
N THR A 12 -1.76 -0.59 2.81
CA THR A 12 -1.90 -0.85 4.27
C THR A 12 -1.95 0.49 5.08
N THR A 13 -2.88 0.57 6.06
CA THR A 13 -3.06 1.79 6.91
C THR A 13 -1.84 2.18 7.83
N ALA A 14 -1.09 1.21 8.39
CA ALA A 14 0.07 1.49 9.27
C ALA A 14 1.34 1.90 8.49
C ACE A 1 -1.91 9.23 5.60
O ACE A 1 -1.28 9.42 4.56
CH3 ACE A 1 -3.10 10.12 5.97
H1 ACE A 1 -3.23 10.92 5.23
H2 ACE A 1 -4.04 9.55 6.01
H3 ACE A 1 -2.95 10.61 6.96
N ILE A 2 -1.66 8.24 6.46
CA ILE A 2 -0.53 7.26 6.25
C ILE A 2 -1.10 6.07 5.42
N TRP A 3 -0.56 5.88 4.21
CA TRP A 3 -1.00 4.78 3.29
C TRP A 3 0.25 4.26 2.53
N GLY A 4 0.64 3.00 2.80
CA GLY A 4 1.81 2.37 2.14
C GLY A 4 1.43 1.62 0.85
N DAB A 5 1.53 2.32 -0.30
CA DAB A 5 1.20 1.76 -1.63
C DAB A 5 2.50 1.55 -2.45
O DAB A 5 3.23 2.52 -2.73
CB DAB A 5 0.18 2.67 -2.38
CG DAB A 5 -0.92 1.91 -3.16
ND DAB A 5 -1.91 1.22 -2.30
H DAB A 5 1.86 3.29 -0.18
HA DAB A 5 0.71 0.77 -1.48
HB2 DAB A 5 -0.31 3.38 -1.69
HB3 DAB A 5 0.71 3.35 -3.08
HG2 DAB A 5 -1.44 2.60 -3.85
HG3 DAB A 5 -0.44 1.16 -3.82
HD2 DAB A 5 -1.85 0.21 -2.11
N SER A 6 2.78 0.29 -2.83
CA SER A 6 4.00 -0.06 -3.62
C SER A 6 3.83 -1.45 -4.30
N GLY A 7 3.11 -1.50 -5.43
CA GLY A 7 2.89 -2.77 -6.17
C GLY A 7 1.71 -2.68 -7.16
N LYS A 8 0.51 -3.10 -6.71
CA LYS A 8 -0.72 -3.06 -7.54
C LYS A 8 -1.90 -2.54 -6.68
N LEU A 9 -2.54 -3.38 -5.85
CA LEU A 9 -3.69 -2.97 -4.98
C LEU A 9 -3.46 -3.46 -3.52
N ILE A 10 -2.38 -2.98 -2.89
CA ILE A 10 -2.01 -3.31 -1.48
C ILE A 10 -1.64 -1.97 -0.77
N ASP A 11 -2.68 -1.29 -0.27
CA ASP A 11 -2.56 0.02 0.42
C ASP A 11 -2.90 -0.18 1.92
N THR A 12 -1.89 -0.64 2.70
CA THR A 12 -2.05 -0.87 4.17
C THR A 12 -1.80 0.46 4.93
N THR A 13 -2.76 0.90 5.75
CA THR A 13 -2.65 2.17 6.54
C THR A 13 -1.52 2.20 7.62
N ALA A 14 -1.39 1.17 8.47
CA ALA A 14 -0.34 1.11 9.53
C ALA A 14 0.98 0.54 8.95
C ACE A 1 -5.64 3.47 4.91
O ACE A 1 -5.11 2.35 5.00
CH3 ACE A 1 -6.65 3.92 5.96
H1 ACE A 1 -7.64 4.15 5.50
H2 ACE A 1 -6.82 3.13 6.72
H3 ACE A 1 -6.30 4.81 6.50
N ILE A 2 -5.39 4.35 3.94
CA ILE A 2 -4.43 4.10 2.83
C ILE A 2 -3.10 4.84 3.20
N TRP A 3 -2.08 4.07 3.61
CA TRP A 3 -0.75 4.62 4.00
C TRP A 3 0.34 3.59 3.62
N GLY A 4 1.14 3.90 2.59
CA GLY A 4 2.21 3.00 2.10
C GLY A 4 1.69 2.12 0.95
N DAB A 5 2.15 2.36 -0.29
CA DAB A 5 1.72 1.59 -1.49
C DAB A 5 2.93 0.93 -2.18
O DAB A 5 3.91 1.61 -2.53
CB DAB A 5 0.92 2.53 -2.44
CG DAB A 5 0.05 1.83 -3.52
ND DAB A 5 -1.03 0.98 -2.96
H DAB A 5 2.84 3.12 -0.37
HA DAB A 5 1.02 0.79 -1.17
HB2 DAB A 5 0.26 3.20 -1.86
HB3 DAB A 5 1.62 3.22 -2.94
HG2 DAB A 5 -0.39 2.59 -4.19
HG3 DAB A 5 0.69 1.20 -4.17
HD2 DAB A 5 -0.95 -0.04 -2.91
N SER A 6 2.85 -0.39 -2.42
CA SER A 6 3.92 -1.16 -3.10
C SER A 6 3.29 -2.01 -4.25
N GLY A 7 3.09 -1.39 -5.43
CA GLY A 7 2.49 -2.06 -6.61
C GLY A 7 1.13 -1.45 -6.97
N LYS A 8 0.04 -2.07 -6.48
CA LYS A 8 -1.35 -1.61 -6.75
C LYS A 8 -2.35 -2.14 -5.68
N LEU A 9 -2.62 -3.47 -5.62
CA LEU A 9 -3.58 -4.07 -4.64
C LEU A 9 -3.17 -3.95 -3.14
N ILE A 10 -1.87 -4.11 -2.76
CA ILE A 10 -1.42 -3.97 -1.35
C ILE A 10 -1.14 -2.46 -1.07
N ASP A 11 -2.18 -1.74 -0.58
CA ASP A 11 -2.10 -0.27 -0.32
C ASP A 11 -2.47 0.25 1.10
N THR A 12 -3.06 -0.56 2.01
CA THR A 12 -3.41 -0.12 3.40
C THR A 12 -2.17 0.06 4.33
N THR A 13 -1.25 -0.92 4.40
CA THR A 13 -0.02 -0.86 5.24
C THR A 13 1.10 -1.55 4.43
N ALA A 14 1.94 -0.77 3.71
CA ALA A 14 3.05 -1.32 2.90
C ALA A 14 4.18 -0.27 2.81
C ACE A 1 -5.32 4.13 4.68
O ACE A 1 -4.98 2.95 4.83
CH3 ACE A 1 -6.42 4.72 5.55
H1 ACE A 1 -6.05 5.56 6.17
H2 ACE A 1 -7.27 5.09 4.94
H3 ACE A 1 -6.83 3.97 6.24
N ILE A 2 -4.77 4.96 3.79
CA ILE A 2 -3.67 4.57 2.86
C ILE A 2 -2.31 4.88 3.55
N TRP A 3 -1.55 3.83 3.87
CA TRP A 3 -0.22 3.94 4.52
C TRP A 3 0.69 2.81 3.96
N GLY A 4 1.56 3.18 3.00
CA GLY A 4 2.50 2.23 2.34
C GLY A 4 1.91 1.64 1.04
N DAB A 5 2.31 2.18 -0.13
CA DAB A 5 1.83 1.67 -1.44
C DAB A 5 3.04 1.14 -2.27
O DAB A 5 4.00 1.87 -2.53
CB DAB A 5 1.02 2.77 -2.19
CG DAB A 5 0.14 2.26 -3.37
ND DAB A 5 -0.93 1.31 -2.96
H DAB A 5 2.98 2.95 -0.06
HA DAB A 5 1.12 0.83 -1.28
HB2 DAB A 5 0.37 3.30 -1.49
HB3 DAB A 5 1.71 3.55 -2.57
HG2 DAB A 5 -0.31 3.11 -3.91
HG3 DAB A 5 0.79 1.75 -4.12
HD2 DAB A 5 -0.78 0.29 -2.95
N SER A 6 2.94 -0.12 -2.71
CA SER A 6 4.01 -0.79 -3.51
C SER A 6 3.37 -1.74 -4.57
N GLY A 7 2.91 -1.17 -5.71
CA GLY A 7 2.29 -1.95 -6.80
C GLY A 7 0.85 -1.49 -7.09
N LYS A 8 -0.12 -2.20 -6.50
CA LYS A 8 -1.57 -1.89 -6.70
C LYS A 8 -2.44 -2.39 -5.50
N LEU A 9 -2.60 -3.71 -5.30
CA LEU A 9 -3.42 -4.27 -4.18
C LEU A 9 -2.86 -4.06 -2.74
N ILE A 10 -1.52 -3.93 -2.53
CA ILE A 10 -0.92 -3.70 -1.19
C ILE A 10 -0.80 -2.15 -0.98
N ASP A 11 -1.91 -1.53 -0.55
CA ASP A 11 -2.01 -0.05 -0.34
C ASP A 11 -2.54 0.43 1.04
N THR A 12 -3.60 -0.19 1.61
CA THR A 12 -4.18 0.22 2.93
C THR A 12 -3.28 -0.17 4.14
N THR A 13 -3.19 -1.46 4.50
CA THR A 13 -2.37 -1.94 5.65
C THR A 13 -1.03 -2.50 5.10
N ALA A 14 0.06 -1.72 5.24
CA ALA A 14 1.40 -2.13 4.76
C ALA A 14 2.50 -1.49 5.65
C ACE A 1 -6.60 3.23 0.89
O ACE A 1 -6.14 2.23 0.32
CH3 ACE A 1 -7.88 3.13 1.72
H1 ACE A 1 -7.69 3.41 2.78
H2 ACE A 1 -8.67 3.79 1.33
H3 ACE A 1 -8.28 2.11 1.72
N ILE A 2 -6.05 4.45 0.82
CA ILE A 2 -4.80 4.75 0.07
C ILE A 2 -3.77 5.26 1.12
N TRP A 3 -2.94 4.34 1.65
CA TRP A 3 -1.92 4.69 2.68
C TRP A 3 -0.80 3.60 2.63
N GLY A 4 0.35 3.93 2.04
CA GLY A 4 1.49 2.97 1.91
C GLY A 4 1.27 1.95 0.78
N DAB A 5 1.52 2.36 -0.48
CA DAB A 5 1.32 1.50 -1.67
C DAB A 5 2.66 0.90 -2.17
O DAB A 5 3.62 1.63 -2.44
CB DAB A 5 0.57 2.28 -2.79
CG DAB A 5 -0.42 1.44 -3.66
ND DAB A 5 -1.54 0.83 -2.91
H DAB A 5 1.91 3.31 -0.53
HA DAB A 5 0.65 0.67 -1.37
HB2 DAB A 5 -0.02 3.11 -2.37
HB3 DAB A 5 1.29 2.79 -3.47
HG2 DAB A 5 -0.82 2.07 -4.48
HG3 DAB A 5 0.15 0.64 -4.17
HD2 DAB A 5 -1.52 -0.16 -2.63
N SER A 6 2.69 -0.44 -2.30
CA SER A 6 3.89 -1.18 -2.80
C SER A 6 3.44 -2.17 -3.92
N GLY A 7 3.20 -1.64 -5.13
CA GLY A 7 2.75 -2.44 -6.29
C GLY A 7 1.50 -1.80 -6.93
N LYS A 8 0.31 -2.30 -6.52
CA LYS A 8 -0.99 -1.79 -7.05
C LYS A 8 -2.14 -2.02 -6.00
N LEU A 9 -2.58 -3.27 -5.78
CA LEU A 9 -3.68 -3.57 -4.82
C LEU A 9 -3.32 -3.53 -3.30
N ILE A 10 -2.04 -3.65 -2.88
CA ILE A 10 -1.64 -3.61 -1.44
C ILE A 10 -1.40 -2.13 -0.98
N ASP A 11 -2.49 -1.45 -0.58
CA ASP A 11 -2.46 -0.02 -0.13
C ASP A 11 -2.88 0.07 1.37
N THR A 12 -2.02 -0.47 2.26
CA THR A 12 -2.21 -0.49 3.73
C THR A 12 -0.81 -0.52 4.44
N THR A 13 0.06 -1.49 4.09
CA THR A 13 1.42 -1.62 4.67
C THR A 13 2.37 -1.78 3.43
N ALA A 14 3.30 -0.81 3.25
CA ALA A 14 4.28 -0.82 2.13
C ALA A 14 5.44 -1.80 2.40
C ACE A 1 -6.49 3.73 0.66
O ACE A 1 -5.94 2.62 0.52
CH3 ACE A 1 -7.86 3.83 1.31
H1 ACE A 1 -8.61 4.26 0.62
H2 ACE A 1 -8.23 2.83 1.61
H3 ACE A 1 -7.82 4.46 2.22
N ILE A 2 -5.95 4.89 0.25
CA ILE A 2 -4.61 4.98 -0.41
C ILE A 2 -3.65 5.50 0.70
N TRP A 3 -2.91 4.56 1.31
CA TRP A 3 -1.94 4.86 2.40
C TRP A 3 -0.88 3.72 2.43
N GLY A 4 0.34 3.99 1.95
CA GLY A 4 1.43 2.98 1.91
C GLY A 4 1.24 1.93 0.79
N DAB A 5 1.50 2.34 -0.47
CA DAB A 5 1.31 1.46 -1.66
C DAB A 5 2.65 0.84 -2.15
O DAB A 5 3.60 1.57 -2.42
CB DAB A 5 0.57 2.23 -2.80
CG DAB A 5 -0.42 1.40 -3.66
ND DAB A 5 -1.54 0.80 -2.90
H DAB A 5 1.88 3.29 -0.54
HA DAB A 5 0.63 0.64 -1.36
HB2 DAB A 5 -0.01 3.08 -2.39
HB3 DAB A 5 1.29 2.72 -3.47
HG2 DAB A 5 -0.82 2.01 -4.49
HG3 DAB A 5 0.14 0.58 -4.16
HD2 DAB A 5 -1.53 -0.19 -2.63
N SER A 6 2.67 -0.49 -2.27
CA SER A 6 3.85 -1.25 -2.75
C SER A 6 3.40 -2.19 -3.91
N GLY A 7 3.22 -1.63 -5.11
CA GLY A 7 2.78 -2.38 -6.31
C GLY A 7 1.52 -1.76 -6.92
N LYS A 8 0.34 -2.24 -6.52
CA LYS A 8 -0.97 -1.73 -7.03
C LYS A 8 -2.12 -1.99 -6.01
N LEU A 9 -2.55 -3.26 -5.80
CA LEU A 9 -3.65 -3.61 -4.85
C LEU A 9 -3.32 -3.48 -3.33
N ILE A 10 -2.08 -3.74 -2.86
CA ILE A 10 -1.72 -3.64 -1.41
C ILE A 10 -1.45 -2.16 -1.01
N ASP A 11 -2.52 -1.46 -0.55
CA ASP A 11 -2.45 -0.04 -0.11
C ASP A 11 -2.86 0.08 1.39
N THR A 12 -1.98 -0.44 2.26
CA THR A 12 -2.14 -0.44 3.74
C THR A 12 -0.71 -0.51 4.35
N THR A 13 0.00 -1.65 4.20
CA THR A 13 1.38 -1.86 4.68
C THR A 13 2.29 -1.90 3.42
N ALA A 14 3.24 -0.96 3.32
CA ALA A 14 4.17 -0.87 2.16
C ALA A 14 5.32 -1.90 2.26
C ACE A 1 -6.44 3.80 0.62
O ACE A 1 -5.91 2.70 0.51
CH3 ACE A 1 -7.82 3.93 1.27
H1 ACE A 1 -8.21 2.95 1.57
H2 ACE A 1 -7.79 4.57 2.18
H3 ACE A 1 -8.55 4.38 0.56
N ILE A 2 -5.89 4.96 0.22
CA ILE A 2 -4.54 5.04 -0.42
C ILE A 2 -3.58 5.54 0.71
N TRP A 3 -2.86 4.59 1.32
CA TRP A 3 -1.89 4.88 2.41
C TRP A 3 -0.86 3.71 2.46
N GLY A 4 0.37 3.97 1.99
CA GLY A 4 1.45 2.94 1.95
C GLY A 4 1.24 1.92 0.81
N DAB A 5 1.52 2.33 -0.44
CA DAB A 5 1.33 1.46 -1.63
C DAB A 5 2.67 0.85 -2.13
O DAB A 5 3.63 1.57 -2.39
CB DAB A 5 0.59 2.25 -2.76
CG DAB A 5 -0.38 1.42 -3.66
ND DAB A 5 -1.52 0.81 -2.92
H DAB A 5 1.92 3.27 -0.49
HA DAB A 5 0.65 0.64 -1.34
HB2 DAB A 5 0.00 3.09 -2.34
HB3 DAB A 5 1.32 2.76 -3.43
HG2 DAB A 5 -0.78 2.06 -4.47
HG3 DAB A 5 0.18 0.62 -4.16
HD2 DAB A 5 -1.50 -0.18 -2.65
N SER A 6 2.68 -0.49 -2.28
CA SER A 6 3.87 -1.24 -2.78
C SER A 6 3.41 -2.18 -3.94
N GLY A 7 3.22 -1.61 -5.14
CA GLY A 7 2.77 -2.37 -6.33
C GLY A 7 1.49 -1.73 -6.92
N LYS A 8 0.32 -2.23 -6.52
CA LYS A 8 -1.00 -1.73 -7.01
C LYS A 8 -2.14 -2.01 -5.98
N LEU A 9 -2.55 -3.28 -5.79
CA LEU A 9 -3.64 -3.65 -4.85
C LEU A 9 -3.31 -3.52 -3.32
N ILE A 10 -2.07 -3.76 -2.86
CA ILE A 10 -1.70 -3.65 -1.42
C ILE A 10 -1.45 -2.16 -1.02
N ASP A 11 -2.51 -1.47 -0.56
CA ASP A 11 -2.46 -0.03 -0.14
C ASP A 11 -2.88 0.09 1.36
N THR A 12 -2.00 -0.42 2.25
CA THR A 12 -2.17 -0.40 3.73
C THR A 12 -0.74 -0.43 4.35
N THR A 13 0.01 -1.55 4.17
CA THR A 13 1.39 -1.71 4.68
C THR A 13 2.30 -1.81 3.41
N ALA A 14 3.26 -0.88 3.26
CA ALA A 14 4.18 -0.86 2.10
C ALA A 14 5.32 -1.91 2.22
C ACE A 1 -7.12 2.64 4.53
O ACE A 1 -6.97 1.47 4.18
CH3 ACE A 1 -8.24 3.02 5.50
H1 ACE A 1 -7.83 3.47 6.42
H2 ACE A 1 -8.94 3.73 5.04
H3 ACE A 1 -8.81 2.12 5.80
N ILE A 2 -6.36 3.66 4.10
CA ILE A 2 -5.22 3.49 3.16
C ILE A 2 -4.00 4.27 3.74
N TRP A 3 -2.82 3.62 3.84
CA TRP A 3 -1.59 4.25 4.43
C TRP A 3 -0.19 3.79 3.88
N GLY A 4 -0.09 3.22 2.66
CA GLY A 4 1.23 2.79 2.12
C GLY A 4 1.12 1.90 0.87
N DAB A 5 1.16 2.52 -0.32
CA DAB A 5 1.06 1.77 -1.61
C DAB A 5 2.44 1.26 -2.12
O DAB A 5 3.38 2.05 -2.24
CB DAB A 5 0.29 2.60 -2.70
CG DAB A 5 -0.81 1.84 -3.49
ND DAB A 5 -1.87 1.23 -2.64
H DAB A 5 1.29 3.53 -0.27
HA DAB A 5 0.43 0.88 -1.41
HB2 DAB A 5 -0.19 3.50 -2.25
HB3 DAB A 5 1.01 3.05 -3.43
HG2 DAB A 5 -1.28 2.52 -4.23
HG3 DAB A 5 -0.33 1.05 -4.08
HD2 DAB A 5 -1.84 0.23 -2.43
N SER A 6 2.53 -0.04 -2.40
CA SER A 6 3.78 -0.68 -2.88
C SER A 6 3.45 -1.93 -3.76
N GLY A 7 3.14 -1.71 -5.05
CA GLY A 7 2.83 -2.80 -6.00
C GLY A 7 1.69 -2.42 -6.95
N LYS A 8 0.46 -2.93 -6.68
CA LYS A 8 -0.74 -2.64 -7.51
C LYS A 8 -1.97 -2.37 -6.59
N LEU A 9 -2.62 -3.38 -5.99
CA LEU A 9 -3.80 -3.18 -5.09
C LEU A 9 -3.44 -3.64 -3.64
N ILE A 10 -2.42 -2.98 -3.06
CA ILE A 10 -1.94 -3.26 -1.66
C ILE A 10 -1.56 -1.88 -1.06
N ASP A 11 -2.55 -1.19 -0.44
CA ASP A 11 -2.36 0.15 0.16
C ASP A 11 -2.55 0.09 1.71
N THR A 12 -1.54 -0.47 2.41
CA THR A 12 -1.52 -0.59 3.89
C THR A 12 -0.05 -0.41 4.33
N THR A 13 0.80 -1.46 4.29
CA THR A 13 2.23 -1.38 4.68
C THR A 13 3.08 -1.21 3.38
N ALA A 14 3.85 -0.11 3.29
CA ALA A 14 4.72 0.16 2.12
C ALA A 14 6.05 -0.63 2.20
C ACE A 1 -3.22 8.98 1.67
O ACE A 1 -3.78 8.08 2.28
CH3 ACE A 1 -3.72 10.43 1.80
H1 ACE A 1 -2.93 11.08 2.22
H2 ACE A 1 -4.04 10.84 0.83
H3 ACE A 1 -4.58 10.48 2.48
N ILE A 2 -2.16 8.82 0.86
CA ILE A 2 -1.54 7.49 0.61
C ILE A 2 -0.35 7.33 1.61
N TRP A 3 -0.50 6.39 2.56
CA TRP A 3 0.52 6.13 3.61
C TRP A 3 0.90 4.62 3.62
N GLY A 4 1.64 4.16 2.59
CA GLY A 4 2.06 2.75 2.45
C GLY A 4 1.46 2.11 1.18
N DAB A 5 2.23 2.08 0.09
CA DAB A 5 1.78 1.50 -1.21
C DAB A 5 3.01 0.88 -1.94
O DAB A 5 4.02 1.55 -2.15
CB DAB A 5 1.07 2.58 -2.07
CG DAB A 5 0.27 2.07 -3.29
ND DAB A 5 -0.86 1.18 -2.95
H DAB A 5 3.16 2.52 0.19
HA DAB A 5 1.04 0.70 -0.99
HB2 DAB A 5 0.37 3.16 -1.43
HB3 DAB A 5 1.81 3.34 -2.41
HG2 DAB A 5 -0.10 2.94 -3.88
HG3 DAB A 5 0.94 1.53 -3.99
HD2 DAB A 5 -0.82 0.16 -3.04
N SER A 6 2.89 -0.39 -2.34
CA SER A 6 3.96 -1.13 -3.06
C SER A 6 3.35 -1.93 -4.24
N GLY A 7 3.05 -1.23 -5.36
CA GLY A 7 2.47 -1.85 -6.57
C GLY A 7 1.07 -1.30 -6.90
N LYS A 8 0.02 -2.00 -6.44
CA LYS A 8 -1.40 -1.60 -6.72
C LYS A 8 -2.41 -2.22 -5.70
N LEU A 9 -2.61 -3.56 -5.67
CA LEU A 9 -3.58 -4.23 -4.78
C LEU A 9 -3.32 -4.12 -3.24
N ILE A 10 -2.06 -4.24 -2.75
CA ILE A 10 -1.75 -4.13 -1.29
C ILE A 10 -1.40 -2.66 -0.90
N ASP A 11 -2.42 -1.79 -0.92
CA ASP A 11 -2.29 -0.34 -0.60
C ASP A 11 -2.90 -0.04 0.80
N THR A 12 -2.21 -0.48 1.88
CA THR A 12 -2.66 -0.26 3.29
C THR A 12 -2.25 1.18 3.70
N THR A 13 -3.24 2.10 3.76
CA THR A 13 -3.01 3.52 4.11
C THR A 13 -3.15 3.73 5.64
N ALA A 14 -2.02 3.70 6.36
CA ALA A 14 -1.97 3.87 7.84
C ALA A 14 -1.91 5.38 8.21
C ACE A 1 -4.17 6.97 5.49
O ACE A 1 -3.24 6.68 6.25
CH3 ACE A 1 -5.18 8.03 5.88
H1 ACE A 1 -5.15 8.89 5.18
H2 ACE A 1 -6.21 7.63 5.88
H3 ACE A 1 -4.97 8.43 6.88
N ILE A 2 -4.34 6.42 4.27
CA ILE A 2 -3.44 5.36 3.72
C ILE A 2 -2.27 6.07 2.98
N TRP A 3 -1.05 5.97 3.56
CA TRP A 3 0.17 6.61 3.01
C TRP A 3 1.27 5.52 2.87
N GLY A 4 1.34 4.87 1.69
CA GLY A 4 2.33 3.81 1.43
C GLY A 4 1.72 2.68 0.58
N DAB A 5 2.07 2.62 -0.72
CA DAB A 5 1.57 1.58 -1.65
C DAB A 5 2.78 0.88 -2.33
O DAB A 5 3.60 1.52 -2.99
CB DAB A 5 0.60 2.21 -2.70
CG DAB A 5 -0.32 1.22 -3.44
ND DAB A 5 -1.31 0.53 -2.56
H DAB A 5 2.71 3.37 -1.04
HA DAB A 5 0.99 0.83 -1.08
HB2 DAB A 5 -0.03 2.98 -2.21
HB3 DAB A 5 1.18 2.79 -3.44
HG2 DAB A 5 -0.85 1.73 -4.26
HG3 DAB A 5 0.29 0.44 -3.94
HD2 DAB A 5 -1.19 -0.43 -2.25
N SER A 6 2.85 -0.46 -2.18
CA SER A 6 3.94 -1.28 -2.76
C SER A 6 3.35 -2.17 -3.91
N GLY A 7 3.26 -1.60 -5.12
CA GLY A 7 2.73 -2.30 -6.30
C GLY A 7 1.47 -1.58 -6.83
N LYS A 8 0.28 -2.08 -6.43
CA LYS A 8 -1.02 -1.49 -6.86
C LYS A 8 -2.19 -1.90 -5.92
N LEU A 9 -2.59 -3.18 -5.87
CA LEU A 9 -3.73 -3.65 -5.01
C LEU A 9 -3.45 -3.74 -3.48
N ILE A 10 -2.21 -3.95 -2.99
CA ILE A 10 -1.91 -4.03 -1.54
C ILE A 10 -1.58 -2.57 -1.04
N ASP A 11 -2.57 -1.93 -0.43
CA ASP A 11 -2.48 -0.54 0.09
C ASP A 11 -3.14 -0.53 1.51
N THR A 12 -2.39 -0.91 2.57
CA THR A 12 -2.92 -0.93 3.97
C THR A 12 -1.78 -0.44 4.91
N THR A 13 -1.63 0.89 5.04
CA THR A 13 -0.60 1.53 5.91
C THR A 13 -1.23 2.82 6.49
N ALA A 14 -1.86 2.74 7.68
CA ALA A 14 -2.51 3.89 8.33
C ALA A 14 -1.49 4.84 9.00
#